data_5FY0
#
_entry.id   5FY0
#
_cell.length_a   91.610
_cell.length_b   110.740
_cell.length_c   120.750
_cell.angle_alpha   90.00
_cell.angle_beta   90.00
_cell.angle_gamma   90.00
#
_symmetry.space_group_name_H-M   'P 21 21 21'
#
loop_
_entity.id
_entity.type
_entity.pdbx_description
1 polymer 'HISTONE DEMETHYLASE UTY'
2 non-polymer 'MANGANESE (II) ION'
3 non-polymer '(2S)-2-hydroxybutanedioic acid'
4 non-polymer 1,2-ETHANEDIOL
5 non-polymer 'ZINC ION'
6 water water
#
_entity_poly.entity_id   1
_entity_poly.type   'polypeptide(L)'
_entity_poly.pdbx_seq_one_letter_code
;MLPKDKLNPPTPSIYLENKRDAFFPPLHQFCTNPKNPVTVIRGLAGALKLDLGLFSTKTLVEANNEHMVEVRTQLLQPAD
ENWDPTGTKKIWRCESNRSHTTIAKYAQYQASSFQESLREENEKRTQHKDHSDNESTSSENSGRRRKGPFKTIKFGTNID
LSDNKKWKLQLHELTKLPAFARVVSAGNLLTHVGHTILGMNTVQLYMKVPGSRTPGHQENNNFCSVNINIGPGDCEWFVV
PEDYWGVLNDFCEKNNLNFLMSSWWPNLEDLYEANVPVYRFIQRPGDLVWINAGTVHWVQAVGWCNNIAWNVGPLTACQY
KLAVERYEWNKLKSVKSPVPMVHLSWNMARNIKVSDPKLFEMIKYCLLKILKQYQTLREALVAAGKEVIWHGRTNDEPAH
YCSICEVEVFNLLFVTNESNTQKTYIVHCHDCARKTSKSLENFVVLEQYKMEDLIQVYDQFTLALSLSSSSAENLYFQ
;
_entity_poly.pdbx_strand_id   A,B
#
loop_
_chem_comp.id
_chem_comp.type
_chem_comp.name
_chem_comp.formula
EDO non-polymer 1,2-ETHANEDIOL 'C2 H6 O2'
LMR non-polymer '(2S)-2-hydroxybutanedioic acid' 'C4 H6 O5'
MN non-polymer 'MANGANESE (II) ION' 'Mn 2'
ZN non-polymer 'ZINC ION' 'Zn 2'
#
# COMPACT_ATOMS: atom_id res chain seq x y z
N LYS A 4 -19.29 -34.91 -1.18
CA LYS A 4 -17.85 -34.68 -1.31
C LYS A 4 -17.30 -33.89 -0.11
N ASP A 5 -16.05 -34.18 0.26
CA ASP A 5 -15.30 -33.37 1.21
C ASP A 5 -15.09 -31.98 0.62
N LYS A 6 -15.22 -31.91 -0.71
CA LYS A 6 -15.09 -30.65 -1.43
C LYS A 6 -16.26 -29.72 -1.12
N LEU A 7 -17.34 -30.28 -0.55
CA LEU A 7 -18.50 -29.49 -0.19
C LEU A 7 -18.41 -28.93 1.24
N ASN A 8 -17.37 -29.33 1.96
CA ASN A 8 -17.05 -28.77 3.26
C ASN A 8 -15.58 -28.38 3.33
N PRO A 9 -15.17 -27.37 2.53
CA PRO A 9 -13.75 -27.04 2.39
C PRO A 9 -13.19 -26.40 3.64
N PRO A 10 -11.87 -26.45 3.83
CA PRO A 10 -11.23 -25.78 4.96
C PRO A 10 -11.27 -24.25 4.79
N THR A 11 -11.19 -23.52 5.90
CA THR A 11 -11.20 -22.07 5.85
C THR A 11 -9.82 -21.45 5.67
N PRO A 12 -9.65 -20.62 4.62
CA PRO A 12 -8.41 -19.87 4.42
C PRO A 12 -8.08 -19.08 5.68
N SER A 13 -6.97 -19.41 6.30
N SER A 13 -6.96 -19.41 6.31
CA SER A 13 -6.64 -18.83 7.59
CA SER A 13 -6.67 -18.89 7.65
C SER A 13 -5.21 -18.34 7.63
C SER A 13 -5.21 -18.46 7.82
N ILE A 14 -5.00 -17.31 8.44
CA ILE A 14 -3.68 -16.76 8.70
C ILE A 14 -3.58 -16.49 10.21
N TYR A 15 -2.57 -17.00 10.90
N TYR A 15 -2.47 -16.90 10.79
CA TYR A 15 -2.40 -16.62 12.31
CA TYR A 15 -2.20 -16.73 12.21
C TYR A 15 -1.20 -15.68 12.45
C TYR A 15 -1.13 -15.65 12.41
N LEU A 16 -1.48 -14.50 13.01
CA LEU A 16 -0.47 -13.48 13.23
C LEU A 16 0.12 -13.57 14.64
N GLU A 17 1.44 -13.30 14.77
CA GLU A 17 2.08 -13.27 16.09
C GLU A 17 2.44 -11.86 16.53
N ASN A 18 2.84 -11.04 15.56
CA ASN A 18 3.37 -9.73 15.85
C ASN A 18 3.09 -8.74 14.75
N LYS A 19 3.53 -7.49 14.96
CA LYS A 19 3.25 -6.42 14.02
C LYS A 19 3.86 -6.69 12.66
N ARG A 20 4.94 -7.47 12.59
CA ARG A 20 5.56 -7.71 11.29
C ARG A 20 4.69 -8.63 10.42
N ASP A 21 4.03 -9.62 11.03
CA ASP A 21 3.11 -10.47 10.29
C ASP A 21 1.95 -9.63 9.74
N ALA A 22 1.48 -8.68 10.55
CA ALA A 22 0.38 -7.78 10.20
C ALA A 22 0.70 -6.82 9.04
N PHE A 23 1.95 -6.40 8.92
CA PHE A 23 2.32 -5.44 7.87
C PHE A 23 3.03 -6.14 6.72
N PHE A 24 3.10 -7.46 6.79
CA PHE A 24 3.68 -8.27 5.73
C PHE A 24 2.80 -8.21 4.47
N PRO A 25 3.33 -7.65 3.37
CA PRO A 25 2.54 -7.43 2.15
C PRO A 25 1.84 -8.65 1.55
N PRO A 26 2.42 -9.87 1.66
CA PRO A 26 1.61 -10.98 1.11
C PRO A 26 0.27 -11.23 1.83
N LEU A 27 0.08 -10.70 3.03
CA LEU A 27 -1.21 -10.82 3.72
C LEU A 27 -2.31 -10.08 2.95
N HIS A 28 -1.98 -8.87 2.52
CA HIS A 28 -2.86 -8.04 1.69
C HIS A 28 -3.26 -8.74 0.39
N GLN A 29 -2.29 -9.32 -0.30
CA GLN A 29 -2.54 -10.03 -1.56
C GLN A 29 -3.37 -11.30 -1.34
N PHE A 30 -3.16 -11.98 -0.23
CA PHE A 30 -3.95 -13.16 0.11
C PHE A 30 -5.45 -12.81 0.28
N CYS A 31 -5.75 -11.73 1.00
CA CYS A 31 -7.15 -11.36 1.25
C CYS A 31 -7.91 -10.97 -0.03
N THR A 32 -7.26 -10.24 -0.94
CA THR A 32 -7.95 -9.72 -2.12
C THR A 32 -7.95 -10.70 -3.30
N ASN A 33 -7.23 -11.81 -3.18
CA ASN A 33 -7.21 -12.87 -4.19
C ASN A 33 -8.58 -13.53 -4.34
N PRO A 34 -9.17 -13.45 -5.55
CA PRO A 34 -10.55 -13.92 -5.77
C PRO A 34 -10.77 -15.39 -5.45
N LYS A 35 -9.70 -16.18 -5.43
CA LYS A 35 -9.81 -17.60 -5.10
C LYS A 35 -10.15 -17.81 -3.61
N ASN A 36 -9.90 -16.80 -2.78
CA ASN A 36 -10.24 -16.89 -1.36
C ASN A 36 -11.52 -16.10 -1.03
N PRO A 37 -12.65 -16.80 -0.92
CA PRO A 37 -13.95 -16.14 -0.67
C PRO A 37 -13.99 -15.46 0.67
N VAL A 38 -13.19 -15.98 1.60
CA VAL A 38 -13.11 -15.45 2.95
C VAL A 38 -11.71 -15.70 3.51
N THR A 39 -11.18 -14.76 4.29
CA THR A 39 -9.91 -14.98 5.02
C THR A 39 -10.14 -14.67 6.49
N VAL A 40 -9.74 -15.61 7.36
CA VAL A 40 -9.80 -15.35 8.78
C VAL A 40 -8.39 -15.04 9.26
N ILE A 41 -8.20 -13.84 9.78
CA ILE A 41 -6.89 -13.42 10.27
C ILE A 41 -6.87 -13.58 11.80
N ARG A 42 -6.36 -14.71 12.26
CA ARG A 42 -6.38 -15.02 13.67
C ARG A 42 -5.28 -14.29 14.44
N GLY A 43 -5.61 -13.88 15.66
CA GLY A 43 -4.68 -13.18 16.51
C GLY A 43 -4.39 -11.74 16.14
N LEU A 44 -5.24 -11.12 15.29
CA LEU A 44 -4.99 -9.77 14.76
C LEU A 44 -4.88 -8.69 15.83
N ALA A 45 -5.84 -8.65 16.77
CA ALA A 45 -5.82 -7.61 17.78
C ALA A 45 -4.57 -7.77 18.70
N GLY A 46 -4.27 -9.01 19.06
CA GLY A 46 -3.08 -9.32 19.83
C GLY A 46 -1.79 -8.89 19.15
N ALA A 47 -1.64 -9.22 17.88
CA ALA A 47 -0.47 -8.81 17.11
C ALA A 47 -0.24 -7.30 17.13
N LEU A 48 -1.33 -6.53 17.05
CA LEU A 48 -1.24 -5.07 16.94
C LEU A 48 -1.33 -4.32 18.28
N LYS A 49 -1.60 -5.06 19.36
CA LYS A 49 -1.93 -4.45 20.64
C LYS A 49 -3.12 -3.49 20.51
N LEU A 50 -4.18 -3.94 19.82
CA LEU A 50 -5.44 -3.17 19.77
C LEU A 50 -6.16 -3.23 21.10
N ASP A 51 -6.58 -2.08 21.62
CA ASP A 51 -7.33 -2.11 22.88
C ASP A 51 -8.82 -2.41 22.62
N LEU A 52 -9.20 -3.69 22.66
CA LEU A 52 -10.59 -4.09 22.45
C LEU A 52 -11.51 -3.56 23.54
N GLY A 53 -10.94 -3.23 24.70
CA GLY A 53 -11.69 -2.71 25.82
C GLY A 53 -12.42 -1.41 25.50
N LEU A 54 -11.92 -0.66 24.52
CA LEU A 54 -12.60 0.57 24.04
C LEU A 54 -13.96 0.29 23.40
N PHE A 55 -14.24 -0.97 23.09
CA PHE A 55 -15.51 -1.32 22.47
C PHE A 55 -16.31 -2.26 23.39
N SER A 56 -15.87 -2.37 24.64
CA SER A 56 -16.65 -3.11 25.64
C SER A 56 -17.95 -2.36 25.93
N THR A 57 -18.97 -3.13 26.32
CA THR A 57 -20.28 -2.56 26.62
C THR A 57 -20.20 -1.51 27.74
N LYS A 58 -19.40 -1.80 28.75
CA LYS A 58 -19.17 -0.88 29.87
C LYS A 58 -18.67 0.47 29.36
N THR A 59 -17.63 0.46 28.56
CA THR A 59 -17.10 1.69 27.96
C THR A 59 -18.15 2.42 27.10
N LEU A 60 -18.91 1.69 26.30
CA LEU A 60 -19.88 2.33 25.39
C LEU A 60 -21.00 3.02 26.19
N VAL A 61 -21.45 2.37 27.26
CA VAL A 61 -22.48 2.97 28.10
C VAL A 61 -21.97 4.31 28.64
N GLU A 62 -20.72 4.30 29.14
CA GLU A 62 -20.10 5.51 29.67
C GLU A 62 -20.01 6.60 28.60
N ALA A 63 -19.64 6.23 27.39
CA ALA A 63 -19.43 7.24 26.35
C ALA A 63 -20.72 7.90 25.82
N ASN A 64 -21.70 7.09 25.45
CA ASN A 64 -22.94 7.59 24.82
C ASN A 64 -24.14 6.75 25.21
N ASN A 65 -24.63 6.87 26.43
CA ASN A 65 -25.62 5.90 26.92
C ASN A 65 -26.97 6.02 26.22
N GLU A 66 -27.24 7.16 25.58
CA GLU A 66 -28.53 7.37 24.94
C GLU A 66 -28.52 7.11 23.44
N HIS A 67 -27.42 6.56 22.94
CA HIS A 67 -27.25 6.29 21.51
C HIS A 67 -28.22 5.23 20.99
N MET A 68 -28.69 5.41 19.76
CA MET A 68 -29.73 4.53 19.20
C MET A 68 -29.21 3.15 18.84
N VAL A 69 -30.01 2.12 19.14
CA VAL A 69 -29.75 0.75 18.74
C VAL A 69 -30.94 0.18 17.98
N GLU A 70 -30.70 -0.45 16.83
CA GLU A 70 -31.74 -1.19 16.12
C GLU A 70 -31.86 -2.59 16.69
N VAL A 71 -33.03 -2.94 17.19
CA VAL A 71 -33.21 -4.24 17.82
C VAL A 71 -33.88 -5.20 16.86
N ARG A 72 -33.31 -6.39 16.70
CA ARG A 72 -34.01 -7.48 16.03
C ARG A 72 -34.42 -8.50 17.08
N THR A 73 -35.71 -8.83 17.08
CA THR A 73 -36.24 -9.85 17.98
C THR A 73 -36.37 -11.16 17.21
N GLN A 74 -35.72 -12.20 17.70
CA GLN A 74 -35.57 -13.45 16.97
C GLN A 74 -35.87 -14.62 17.89
N LEU A 75 -36.00 -15.81 17.31
CA LEU A 75 -36.05 -17.03 18.09
C LEU A 75 -34.66 -17.64 18.26
N LEU A 76 -34.38 -18.17 19.46
CA LEU A 76 -33.14 -18.91 19.73
C LEU A 76 -33.22 -20.33 19.14
N GLN A 77 -32.49 -20.55 18.04
CA GLN A 77 -32.58 -21.81 17.27
C GLN A 77 -31.35 -22.67 17.58
N PRO A 78 -31.49 -24.00 17.46
CA PRO A 78 -30.41 -24.95 17.77
C PRO A 78 -29.32 -24.99 16.71
N ALA A 79 -28.07 -24.96 17.12
CA ALA A 79 -26.94 -25.12 16.21
C ALA A 79 -27.05 -24.28 14.93
N ASP A 80 -27.14 -24.99 13.81
CA ASP A 80 -27.10 -24.44 12.46
C ASP A 80 -28.43 -24.52 11.70
N GLU A 81 -29.52 -24.72 12.41
CA GLU A 81 -30.81 -24.97 11.80
C GLU A 81 -31.79 -23.79 11.89
N ASN A 82 -32.86 -23.86 11.10
CA ASN A 82 -33.93 -22.91 11.24
C ASN A 82 -35.27 -23.59 11.01
N TRP A 83 -36.09 -23.62 12.06
CA TRP A 83 -37.35 -24.36 12.05
C TRP A 83 -38.53 -23.43 11.96
N ASP A 84 -39.60 -23.92 11.33
N ASP A 84 -39.60 -23.93 11.34
CA ASP A 84 -40.87 -23.23 11.37
CA ASP A 84 -40.88 -23.25 11.37
C ASP A 84 -41.33 -23.09 12.82
C ASP A 84 -41.32 -23.09 12.83
N PRO A 85 -42.21 -22.11 13.11
CA PRO A 85 -42.67 -21.90 14.50
C PRO A 85 -43.15 -23.18 15.22
N THR A 86 -43.79 -24.09 14.50
CA THR A 86 -44.39 -25.30 15.07
C THR A 86 -43.41 -26.44 15.40
N GLY A 87 -42.21 -26.39 14.84
CA GLY A 87 -41.20 -27.40 15.12
C GLY A 87 -41.32 -28.59 14.20
N THR A 88 -42.04 -28.41 13.10
CA THR A 88 -42.35 -29.49 12.16
C THR A 88 -41.29 -29.70 11.08
N LYS A 89 -40.92 -28.64 10.38
CA LYS A 89 -39.96 -28.75 9.28
C LYS A 89 -38.94 -27.61 9.30
N LYS A 90 -37.78 -27.87 8.71
CA LYS A 90 -36.76 -26.84 8.56
C LYS A 90 -37.09 -25.97 7.34
N ILE A 91 -37.10 -24.65 7.54
CA ILE A 91 -37.45 -23.72 6.46
C ILE A 91 -36.43 -22.57 6.35
N TRP A 92 -36.49 -21.86 5.21
CA TRP A 92 -35.56 -20.77 4.92
C TRP A 92 -35.95 -19.43 5.56
N ARG A 93 -37.24 -19.09 5.59
CA ARG A 93 -37.69 -17.83 6.20
C ARG A 93 -37.37 -17.76 7.68
N CYS A 94 -36.78 -16.65 8.15
N CYS A 94 -36.88 -16.59 8.10
CA CYS A 94 -36.55 -16.55 9.58
CA CYS A 94 -36.42 -16.32 9.46
C CYS A 94 -37.17 -15.28 10.15
C CYS A 94 -37.24 -15.21 10.11
N GLU A 95 -37.71 -15.43 11.35
CA GLU A 95 -38.42 -14.37 12.06
C GLU A 95 -37.44 -13.35 12.63
N SER A 96 -37.61 -12.07 12.28
CA SER A 96 -36.69 -11.03 12.72
C SER A 96 -37.36 -9.67 12.85
N ASN A 97 -38.18 -9.48 13.90
CA ASN A 97 -38.97 -8.26 14.06
C ASN A 97 -38.16 -7.07 14.58
N ARG A 98 -38.47 -5.88 14.07
CA ARG A 98 -37.66 -4.69 14.30
C ARG A 98 -38.24 -3.64 15.27
N SER A 99 -37.36 -3.04 16.08
CA SER A 99 -37.69 -1.90 16.96
C SER A 99 -36.42 -1.13 17.28
N HIS A 100 -36.50 -0.11 18.13
CA HIS A 100 -35.35 0.67 18.53
C HIS A 100 -35.15 0.61 20.06
N THR A 101 -33.91 0.73 20.52
CA THR A 101 -33.65 1.03 21.93
C THR A 101 -32.37 1.87 22.02
N THR A 102 -31.85 2.06 23.25
CA THR A 102 -30.60 2.78 23.48
C THR A 102 -29.46 1.84 23.92
N ILE A 103 -28.22 2.31 23.82
CA ILE A 103 -27.06 1.54 24.27
C ILE A 103 -27.22 1.15 25.74
N ALA A 104 -27.65 2.11 26.58
CA ALA A 104 -27.84 1.85 28.01
C ALA A 104 -28.86 0.76 28.28
N LYS A 105 -29.94 0.74 27.52
CA LYS A 105 -31.01 -0.22 27.77
C LYS A 105 -30.72 -1.59 27.20
N TYR A 106 -30.00 -1.65 26.09
CA TYR A 106 -29.63 -2.97 25.59
C TYR A 106 -28.57 -3.61 26.50
N ALA A 107 -27.66 -2.79 27.01
CA ALA A 107 -26.60 -3.25 27.93
C ALA A 107 -27.17 -3.97 29.14
N GLN A 108 -28.19 -3.33 29.73
CA GLN A 108 -28.93 -3.89 30.86
C GLN A 108 -29.48 -5.27 30.53
N TYR A 109 -30.05 -5.41 29.34
CA TYR A 109 -30.53 -6.71 28.86
C TYR A 109 -29.38 -7.70 28.57
N GLN A 110 -28.28 -7.21 27.98
CA GLN A 110 -27.12 -8.08 27.72
C GLN A 110 -26.57 -8.66 29.03
N ALA A 111 -26.35 -7.80 30.01
CA ALA A 111 -25.85 -8.22 31.31
C ALA A 111 -26.81 -9.16 32.03
N SER A 112 -28.11 -8.84 32.04
CA SER A 112 -29.02 -9.61 32.86
C SER A 112 -29.28 -10.95 32.20
N SER A 113 -29.18 -10.98 30.86
CA SER A 113 -29.25 -12.25 30.11
C SER A 113 -28.13 -13.23 30.58
N PHE A 114 -26.93 -12.72 30.76
CA PHE A 114 -25.84 -13.60 31.20
C PHE A 114 -26.04 -14.07 32.64
N GLN A 115 -26.39 -13.15 33.55
CA GLN A 115 -26.64 -13.53 34.93
C GLN A 115 -27.70 -14.65 34.99
N GLU A 116 -28.75 -14.52 34.18
CA GLU A 116 -29.83 -15.49 34.17
C GLU A 116 -29.42 -16.92 33.74
N SER A 117 -28.55 -17.04 32.74
CA SER A 117 -28.10 -18.36 32.32
C SER A 117 -27.15 -18.97 33.37
N LEU A 118 -26.48 -18.13 34.15
CA LEU A 118 -25.67 -18.64 35.26
C LEU A 118 -26.57 -19.37 36.26
N ARG A 119 -27.70 -18.74 36.60
CA ARG A 119 -28.64 -19.33 37.53
C ARG A 119 -29.33 -20.57 36.98
N GLU A 120 -29.62 -20.56 35.69
CA GLU A 120 -30.20 -21.75 35.06
C GLU A 120 -29.24 -22.91 35.13
N GLU A 121 -27.96 -22.60 34.89
CA GLU A 121 -26.86 -23.56 34.93
C GLU A 121 -26.72 -24.16 36.34
N ASN A 122 -27.22 -23.44 37.33
CA ASN A 122 -27.18 -23.89 38.72
C ASN A 122 -28.57 -24.34 39.22
N GLU A 123 -29.50 -24.55 38.29
CA GLU A 123 -30.82 -25.07 38.64
C GLU A 123 -30.82 -26.56 38.37
N LYS A 124 -29.72 -27.04 37.80
CA LYS A 124 -29.49 -28.47 37.60
C LYS A 124 -30.58 -29.11 36.74
N ARG A 125 -31.16 -30.20 37.26
CA ARG A 125 -32.21 -30.97 36.57
C ARG A 125 -31.72 -31.48 35.21
N LYS A 147 -37.49 -29.65 16.94
CA LYS A 147 -38.78 -29.39 17.57
C LYS A 147 -38.62 -28.47 18.78
N GLY A 148 -39.50 -27.48 18.91
CA GLY A 148 -39.35 -26.48 19.96
C GLY A 148 -40.08 -26.84 21.24
N PRO A 149 -40.84 -25.87 21.80
CA PRO A 149 -40.98 -24.47 21.39
C PRO A 149 -39.75 -23.63 21.75
N PHE A 150 -39.49 -22.58 20.98
CA PHE A 150 -38.25 -21.81 21.15
C PHE A 150 -38.40 -20.51 21.94
N LYS A 151 -37.32 -20.18 22.67
CA LYS A 151 -37.22 -18.92 23.40
C LYS A 151 -37.02 -17.72 22.44
N THR A 152 -37.35 -16.53 22.93
CA THR A 152 -37.20 -15.28 22.18
C THR A 152 -35.98 -14.51 22.67
N ILE A 153 -35.17 -13.97 21.75
CA ILE A 153 -34.01 -13.17 22.13
C ILE A 153 -33.93 -11.83 21.37
N LYS A 154 -33.14 -10.89 21.89
CA LYS A 154 -32.96 -9.59 21.25
C LYS A 154 -31.49 -9.36 20.87
N PHE A 155 -31.30 -8.82 19.66
CA PHE A 155 -30.00 -8.60 19.02
C PHE A 155 -29.88 -7.10 18.72
N GLY A 156 -28.83 -6.46 19.26
CA GLY A 156 -28.64 -5.05 19.02
C GLY A 156 -27.74 -4.83 17.80
N THR A 157 -28.33 -4.34 16.70
N THR A 157 -28.33 -4.40 16.69
CA THR A 157 -27.58 -4.27 15.44
CA THR A 157 -27.57 -4.33 15.43
C THR A 157 -27.41 -2.85 14.92
C THR A 157 -27.49 -2.91 14.84
N ASN A 158 -26.57 -2.72 13.90
CA ASN A 158 -26.35 -1.47 13.16
C ASN A 158 -26.19 -0.20 13.96
N ILE A 159 -25.39 -0.24 15.03
CA ILE A 159 -25.15 0.98 15.81
C ILE A 159 -24.13 1.90 15.12
N ASP A 160 -24.51 3.16 14.91
CA ASP A 160 -23.76 4.09 14.06
C ASP A 160 -22.67 4.84 14.83
N LEU A 161 -21.42 4.52 14.50
CA LEU A 161 -20.25 5.14 15.11
C LEU A 161 -19.53 6.09 14.12
N SER A 162 -20.31 6.81 13.30
CA SER A 162 -19.71 7.74 12.34
C SER A 162 -19.20 9.03 12.94
N ASP A 163 -19.71 9.42 14.11
CA ASP A 163 -19.43 10.73 14.66
C ASP A 163 -18.10 10.77 15.37
N ASN A 164 -17.13 11.49 14.81
CA ASN A 164 -15.78 11.56 15.41
C ASN A 164 -15.73 12.29 16.74
N LYS A 165 -16.72 13.14 16.98
CA LYS A 165 -16.77 13.86 18.26
C LYS A 165 -17.37 12.99 19.36
N LYS A 166 -18.17 11.99 19.01
CA LYS A 166 -18.73 11.09 20.01
C LYS A 166 -17.87 9.86 20.21
N TRP A 167 -17.06 9.52 19.22
CA TRP A 167 -16.31 8.26 19.23
C TRP A 167 -14.83 8.43 18.90
N LYS A 168 -14.23 9.52 19.39
CA LYS A 168 -12.84 9.86 19.08
C LYS A 168 -11.84 8.73 19.38
N LEU A 169 -11.87 8.19 20.60
CA LEU A 169 -10.89 7.17 20.99
C LEU A 169 -11.12 5.86 20.26
N GLN A 170 -12.38 5.51 20.07
CA GLN A 170 -12.75 4.29 19.37
C GLN A 170 -12.23 4.30 17.94
N LEU A 171 -12.53 5.37 17.20
CA LEU A 171 -12.12 5.44 15.81
C LEU A 171 -10.59 5.58 15.68
N HIS A 172 -9.93 6.21 16.66
CA HIS A 172 -8.48 6.38 16.58
C HIS A 172 -7.76 5.03 16.71
N GLU A 173 -8.29 4.15 17.55
CA GLU A 173 -7.69 2.81 17.74
C GLU A 173 -7.62 2.03 16.42
N LEU A 174 -8.60 2.24 15.55
CA LEU A 174 -8.68 1.47 14.30
C LEU A 174 -7.71 1.98 13.21
N THR A 175 -7.07 3.13 13.44
CA THR A 175 -6.02 3.57 12.53
C THR A 175 -4.73 2.77 12.77
N LYS A 176 -4.69 1.90 13.78
CA LYS A 176 -3.54 1.03 14.00
C LYS A 176 -3.51 -0.17 13.06
N LEU A 177 -4.61 -0.42 12.35
CA LEU A 177 -4.68 -1.52 11.38
C LEU A 177 -3.78 -1.24 10.18
N PRO A 178 -3.30 -2.30 9.51
CA PRO A 178 -2.61 -2.14 8.23
C PRO A 178 -3.53 -1.44 7.22
N ALA A 179 -2.95 -0.64 6.33
CA ALA A 179 -3.70 0.28 5.46
C ALA A 179 -4.84 -0.37 4.69
N PHE A 180 -4.60 -1.57 4.16
CA PHE A 180 -5.58 -2.17 3.26
C PHE A 180 -6.91 -2.48 3.98
N ALA A 181 -6.88 -2.58 5.31
CA ALA A 181 -8.08 -2.92 6.08
C ALA A 181 -8.69 -1.72 6.80
N ARG A 182 -8.10 -0.55 6.65
CA ARG A 182 -8.58 0.65 7.33
C ARG A 182 -9.92 1.17 6.78
N VAL A 183 -10.70 1.86 7.59
CA VAL A 183 -11.93 2.55 7.11
C VAL A 183 -11.60 3.57 6.00
N VAL A 184 -10.50 4.30 6.19
CA VAL A 184 -10.02 5.30 5.25
C VAL A 184 -8.61 4.97 4.76
N SER A 185 -8.42 4.87 3.46
CA SER A 185 -7.08 4.71 2.88
C SER A 185 -7.06 5.06 1.40
N ALA A 186 -5.88 5.39 0.88
CA ALA A 186 -5.76 5.88 -0.49
C ALA A 186 -6.12 4.81 -1.52
N GLY A 187 -5.94 3.54 -1.15
CA GLY A 187 -6.23 2.45 -2.05
C GLY A 187 -7.64 1.89 -1.91
N ASN A 188 -8.47 2.59 -1.14
CA ASN A 188 -9.84 2.15 -0.89
C ASN A 188 -10.81 2.96 -1.77
N LEU A 189 -11.48 2.27 -2.70
CA LEU A 189 -12.45 2.92 -3.61
C LEU A 189 -13.51 3.76 -2.86
N LEU A 190 -13.96 3.28 -1.70
CA LEU A 190 -14.97 4.02 -0.93
C LEU A 190 -14.44 5.35 -0.39
N THR A 191 -13.12 5.49 -0.33
CA THR A 191 -12.50 6.72 0.11
C THR A 191 -12.57 7.77 -1.02
N HIS A 192 -12.81 7.31 -2.23
CA HIS A 192 -12.86 8.19 -3.41
C HIS A 192 -14.27 8.54 -3.91
N VAL A 193 -15.28 8.12 -3.16
CA VAL A 193 -16.66 8.47 -3.47
C VAL A 193 -16.89 9.97 -3.25
N GLY A 194 -16.21 10.53 -2.26
CA GLY A 194 -16.26 11.96 -2.00
C GLY A 194 -17.34 12.34 -1.01
N HIS A 195 -17.92 11.35 -0.36
CA HIS A 195 -18.98 11.62 0.60
C HIS A 195 -19.19 10.39 1.49
N THR A 196 -19.70 10.61 2.69
CA THR A 196 -20.01 9.56 3.63
C THR A 196 -21.10 8.62 3.10
N ILE A 197 -20.87 7.31 3.16
CA ILE A 197 -21.94 6.33 2.94
C ILE A 197 -22.11 5.53 4.22
N LEU A 198 -23.17 5.81 4.95
CA LEU A 198 -23.36 5.28 6.30
C LEU A 198 -23.29 3.76 6.36
N GLY A 199 -22.42 3.26 7.22
CA GLY A 199 -22.21 1.84 7.42
C GLY A 199 -21.21 1.23 6.46
N MET A 200 -20.84 1.97 5.41
CA MET A 200 -19.86 1.45 4.45
C MET A 200 -18.50 2.10 4.69
N ASN A 201 -18.37 3.40 4.52
CA ASN A 201 -17.12 4.05 4.95
C ASN A 201 -17.25 4.73 6.32
N THR A 202 -18.15 4.21 7.13
CA THR A 202 -18.24 4.52 8.55
C THR A 202 -18.46 3.22 9.30
N VAL A 203 -18.09 3.21 10.57
CA VAL A 203 -18.10 1.99 11.37
C VAL A 203 -19.47 1.72 11.97
N GLN A 204 -19.89 0.44 11.92
CA GLN A 204 -21.09 -0.03 12.61
C GLN A 204 -20.75 -1.00 13.75
N LEU A 205 -21.54 -0.94 14.82
CA LEU A 205 -21.36 -1.83 15.97
C LEU A 205 -22.58 -2.74 16.20
N TYR A 206 -22.30 -3.90 16.77
CA TYR A 206 -23.28 -4.95 17.03
C TYR A 206 -23.08 -5.45 18.46
N MET A 207 -24.16 -5.51 19.23
CA MET A 207 -24.13 -6.01 20.62
C MET A 207 -25.02 -7.24 20.68
N LYS A 208 -24.50 -8.34 21.22
CA LYS A 208 -25.15 -9.63 21.06
C LYS A 208 -25.33 -10.48 22.33
N VAL A 209 -26.30 -11.39 22.28
CA VAL A 209 -26.47 -12.49 23.22
C VAL A 209 -26.47 -13.77 22.38
N PRO A 210 -26.23 -14.95 22.98
CA PRO A 210 -26.20 -16.19 22.19
C PRO A 210 -27.45 -16.40 21.35
N GLY A 211 -27.25 -16.78 20.10
CA GLY A 211 -28.35 -16.98 19.17
C GLY A 211 -28.58 -15.80 18.23
N SER A 212 -28.04 -14.64 18.57
CA SER A 212 -28.14 -13.46 17.70
C SER A 212 -27.65 -13.76 16.28
N ARG A 213 -28.55 -13.59 15.30
CA ARG A 213 -28.30 -13.94 13.89
C ARG A 213 -28.30 -12.74 12.94
N THR A 214 -27.28 -12.67 12.10
CA THR A 214 -27.25 -11.82 10.91
C THR A 214 -27.58 -12.73 9.73
N PRO A 215 -28.80 -12.58 9.17
CA PRO A 215 -29.27 -13.53 8.13
C PRO A 215 -28.48 -13.40 6.81
N GLY A 216 -28.73 -14.33 5.89
CA GLY A 216 -27.98 -14.43 4.65
C GLY A 216 -28.04 -13.20 3.76
N HIS A 217 -26.89 -12.82 3.22
CA HIS A 217 -26.81 -11.62 2.39
C HIS A 217 -25.48 -11.52 1.68
N GLN A 218 -25.46 -10.66 0.67
CA GLN A 218 -24.23 -10.11 0.12
C GLN A 218 -24.11 -8.67 0.60
N GLU A 219 -22.88 -8.16 0.68
CA GLU A 219 -22.62 -6.76 1.01
C GLU A 219 -23.21 -5.82 -0.02
N ASN A 220 -23.48 -4.59 0.40
CA ASN A 220 -24.01 -3.56 -0.51
C ASN A 220 -23.08 -3.38 -1.71
N ASN A 221 -23.68 -3.49 -2.90
CA ASN A 221 -22.94 -3.37 -4.16
C ASN A 221 -21.70 -4.27 -4.18
N ASN A 222 -21.79 -5.39 -3.47
CA ASN A 222 -20.74 -6.42 -3.46
C ASN A 222 -19.36 -5.95 -3.02
N PHE A 223 -19.28 -4.93 -2.15
CA PHE A 223 -17.97 -4.48 -1.66
C PHE A 223 -17.46 -5.41 -0.56
N CYS A 224 -16.14 -5.55 -0.44
CA CYS A 224 -15.57 -6.37 0.63
C CYS A 224 -15.98 -5.85 2.00
N SER A 225 -15.94 -6.70 3.03
N SER A 225 -15.91 -6.71 3.01
CA SER A 225 -16.21 -6.25 4.39
CA SER A 225 -16.18 -6.30 4.39
C SER A 225 -15.18 -6.81 5.40
C SER A 225 -15.12 -6.79 5.39
N VAL A 226 -14.98 -6.02 6.46
CA VAL A 226 -14.10 -6.33 7.56
C VAL A 226 -14.94 -6.43 8.84
N ASN A 227 -14.74 -7.46 9.64
CA ASN A 227 -15.43 -7.66 10.92
C ASN A 227 -14.45 -8.05 12.03
N ILE A 228 -14.43 -7.32 13.13
CA ILE A 228 -13.61 -7.69 14.28
C ILE A 228 -14.50 -8.07 15.46
N ASN A 229 -14.25 -9.24 16.05
CA ASN A 229 -14.96 -9.67 17.24
C ASN A 229 -14.30 -9.07 18.48
N ILE A 230 -15.07 -8.35 19.28
CA ILE A 230 -14.59 -7.69 20.48
C ILE A 230 -14.51 -8.66 21.65
N GLY A 231 -15.34 -9.70 21.60
CA GLY A 231 -15.45 -10.65 22.69
C GLY A 231 -16.44 -10.20 23.76
N PRO A 232 -16.53 -10.95 24.85
CA PRO A 232 -15.68 -12.09 25.24
C PRO A 232 -16.06 -13.43 24.62
N GLY A 233 -17.27 -13.59 24.09
CA GLY A 233 -17.66 -14.86 23.49
C GLY A 233 -17.30 -14.98 22.01
N ASP A 234 -17.63 -16.12 21.41
CA ASP A 234 -17.34 -16.39 20.00
C ASP A 234 -18.55 -16.18 19.09
N CYS A 235 -18.25 -16.04 17.78
CA CYS A 235 -19.26 -16.06 16.71
C CYS A 235 -18.97 -17.24 15.77
N GLU A 236 -20.03 -17.78 15.19
CA GLU A 236 -19.91 -18.85 14.19
C GLU A 236 -20.37 -18.37 12.82
N TRP A 237 -19.53 -18.57 11.80
CA TRP A 237 -19.76 -18.01 10.45
C TRP A 237 -20.06 -19.11 9.43
N PHE A 238 -20.89 -18.77 8.43
CA PHE A 238 -21.20 -19.63 7.30
C PHE A 238 -20.98 -18.85 6.00
N VAL A 239 -20.23 -19.43 5.06
CA VAL A 239 -19.82 -18.68 3.88
C VAL A 239 -19.97 -19.48 2.57
N VAL A 240 -20.47 -18.82 1.52
CA VAL A 240 -20.62 -19.44 0.20
C VAL A 240 -19.96 -18.55 -0.87
N PRO A 241 -19.17 -19.15 -1.78
CA PRO A 241 -18.48 -18.28 -2.76
C PRO A 241 -19.43 -17.50 -3.67
N GLU A 242 -18.93 -16.38 -4.17
CA GLU A 242 -19.70 -15.45 -4.98
C GLU A 242 -20.39 -16.16 -6.17
N ASP A 243 -19.67 -17.05 -6.85
CA ASP A 243 -20.23 -17.58 -8.10
C ASP A 243 -21.37 -18.60 -7.91
N TYR A 244 -21.72 -18.91 -6.66
CA TYR A 244 -22.90 -19.73 -6.38
C TYR A 244 -24.10 -18.90 -5.94
N TRP A 245 -23.99 -17.56 -5.96
CA TRP A 245 -25.08 -16.73 -5.43
C TRP A 245 -26.39 -16.95 -6.16
N GLY A 246 -26.32 -17.32 -7.44
CA GLY A 246 -27.51 -17.60 -8.24
C GLY A 246 -28.34 -18.76 -7.73
N VAL A 247 -27.68 -19.79 -7.20
CA VAL A 247 -28.39 -20.94 -6.64
C VAL A 247 -29.19 -20.55 -5.40
N LEU A 248 -28.58 -19.74 -4.55
CA LEU A 248 -29.25 -19.30 -3.36
C LEU A 248 -30.40 -18.36 -3.75
N ASN A 249 -30.21 -17.59 -4.82
CA ASN A 249 -31.30 -16.74 -5.31
C ASN A 249 -32.49 -17.60 -5.77
N ASP A 250 -32.20 -18.70 -6.46
CA ASP A 250 -33.27 -19.61 -6.91
C ASP A 250 -34.03 -20.21 -5.73
N PHE A 251 -33.30 -20.63 -4.70
CA PHE A 251 -33.91 -21.18 -3.49
C PHE A 251 -34.89 -20.19 -2.88
N CYS A 252 -34.43 -18.95 -2.68
CA CYS A 252 -35.28 -17.88 -2.16
C CYS A 252 -36.56 -17.69 -3.00
N GLU A 253 -36.42 -17.69 -4.32
CA GLU A 253 -37.56 -17.50 -5.20
C GLU A 253 -38.54 -18.64 -5.07
N LYS A 254 -38.01 -19.86 -4.97
CA LYS A 254 -38.86 -21.03 -4.86
C LYS A 254 -39.55 -21.07 -3.50
N ASN A 255 -39.01 -20.37 -2.51
CA ASN A 255 -39.58 -20.37 -1.18
C ASN A 255 -40.28 -19.06 -0.85
N ASN A 256 -40.70 -18.33 -1.88
CA ASN A 256 -41.49 -17.11 -1.69
C ASN A 256 -40.75 -16.04 -0.88
N LEU A 257 -39.46 -15.88 -1.16
CA LEU A 257 -38.63 -14.89 -0.46
C LEU A 257 -37.86 -14.00 -1.44
N ASN A 258 -37.71 -12.73 -1.08
CA ASN A 258 -36.84 -11.79 -1.82
C ASN A 258 -35.39 -11.95 -1.34
N PHE A 259 -34.51 -12.42 -2.22
CA PHE A 259 -33.10 -12.64 -1.90
C PHE A 259 -32.46 -11.39 -1.25
N LEU A 260 -32.75 -10.21 -1.82
CA LEU A 260 -32.12 -8.98 -1.36
C LEU A 260 -32.79 -8.36 -0.11
N MET A 261 -34.10 -8.55 0.05
CA MET A 261 -34.84 -7.79 1.07
C MET A 261 -35.41 -8.62 2.21
N SER A 262 -35.58 -9.92 2.00
CA SER A 262 -36.14 -10.82 3.03
C SER A 262 -35.06 -11.35 3.98
N SER A 263 -35.48 -11.76 5.19
CA SER A 263 -34.61 -12.50 6.12
C SER A 263 -34.72 -14.00 5.93
N TRP A 264 -33.61 -14.63 5.57
CA TRP A 264 -33.56 -16.07 5.35
C TRP A 264 -32.29 -16.71 5.94
N TRP A 265 -32.43 -17.95 6.39
CA TRP A 265 -31.36 -18.72 7.00
C TRP A 265 -31.30 -20.09 6.30
N PRO A 266 -30.29 -20.28 5.43
CA PRO A 266 -30.22 -21.44 4.53
C PRO A 266 -30.29 -22.78 5.24
N ASN A 267 -31.00 -23.72 4.63
CA ASN A 267 -30.99 -25.11 5.07
C ASN A 267 -29.74 -25.80 4.51
N LEU A 268 -28.83 -26.17 5.41
CA LEU A 268 -27.54 -26.73 5.01
C LEU A 268 -27.66 -28.03 4.20
N GLU A 269 -28.72 -28.78 4.45
CA GLU A 269 -28.98 -30.02 3.72
C GLU A 269 -29.45 -29.71 2.30
N ASP A 270 -30.25 -28.65 2.15
CA ASP A 270 -30.64 -28.17 0.83
C ASP A 270 -29.40 -27.79 0.01
N LEU A 271 -28.45 -27.12 0.65
CA LEU A 271 -27.26 -26.68 -0.07
C LEU A 271 -26.35 -27.83 -0.46
N TYR A 272 -26.18 -28.78 0.46
CA TYR A 272 -25.34 -29.95 0.21
C TYR A 272 -25.90 -30.75 -0.96
N GLU A 273 -27.24 -30.85 -1.00
CA GLU A 273 -27.93 -31.53 -2.07
C GLU A 273 -27.80 -30.80 -3.42
N ALA A 274 -27.69 -29.47 -3.39
CA ALA A 274 -27.53 -28.69 -4.62
C ALA A 274 -26.08 -28.52 -5.04
N ASN A 275 -25.19 -29.25 -4.36
CA ASN A 275 -23.75 -29.20 -4.62
C ASN A 275 -23.10 -27.83 -4.42
N VAL A 276 -23.59 -27.08 -3.44
CA VAL A 276 -22.98 -25.81 -3.05
C VAL A 276 -22.02 -25.98 -1.87
N PRO A 277 -20.74 -25.64 -2.08
CA PRO A 277 -19.77 -25.71 -0.99
C PRO A 277 -20.08 -24.67 0.09
N VAL A 278 -19.86 -25.03 1.35
CA VAL A 278 -20.09 -24.16 2.49
C VAL A 278 -18.87 -24.14 3.38
N TYR A 279 -18.27 -22.96 3.55
CA TYR A 279 -17.18 -22.77 4.52
C TYR A 279 -17.80 -22.51 5.88
N ARG A 280 -17.24 -23.10 6.92
CA ARG A 280 -17.78 -22.92 8.26
C ARG A 280 -16.65 -22.78 9.29
N PHE A 281 -16.76 -21.80 10.19
CA PHE A 281 -15.66 -21.55 11.12
C PHE A 281 -16.06 -20.69 12.33
N ILE A 282 -15.21 -20.74 13.36
CA ILE A 282 -15.39 -19.93 14.56
C ILE A 282 -14.50 -18.67 14.59
N GLN A 283 -15.10 -17.51 14.86
CA GLN A 283 -14.36 -16.26 15.04
C GLN A 283 -14.19 -15.92 16.53
N ARG A 284 -12.96 -15.89 17.02
CA ARG A 284 -12.73 -15.70 18.46
C ARG A 284 -12.44 -14.22 18.70
N PRO A 285 -12.51 -13.75 19.96
CA PRO A 285 -12.22 -12.34 20.21
C PRO A 285 -10.84 -11.91 19.67
N GLY A 286 -10.78 -10.85 18.88
CA GLY A 286 -9.55 -10.40 18.30
C GLY A 286 -9.24 -10.95 16.91
N ASP A 287 -10.02 -11.92 16.46
CA ASP A 287 -9.95 -12.39 15.07
C ASP A 287 -10.61 -11.41 14.06
N LEU A 288 -9.95 -11.13 12.95
CA LEU A 288 -10.54 -10.28 11.91
C LEU A 288 -11.02 -11.15 10.77
N VAL A 289 -12.27 -11.00 10.37
CA VAL A 289 -12.81 -11.73 9.22
C VAL A 289 -12.88 -10.81 8.00
N TRP A 290 -12.21 -11.21 6.92
CA TRP A 290 -12.26 -10.47 5.65
C TRP A 290 -13.21 -11.20 4.71
N ILE A 291 -14.30 -10.54 4.34
CA ILE A 291 -15.28 -11.10 3.40
C ILE A 291 -14.98 -10.53 2.01
N ASN A 292 -14.67 -11.40 1.07
CA ASN A 292 -14.23 -10.96 -0.26
C ASN A 292 -15.41 -10.52 -1.12
N ALA A 293 -15.14 -9.87 -2.25
CA ALA A 293 -16.22 -9.25 -3.05
C ALA A 293 -17.30 -10.24 -3.51
N GLY A 294 -18.55 -9.96 -3.16
CA GLY A 294 -19.66 -10.80 -3.57
C GLY A 294 -19.90 -12.09 -2.76
N THR A 295 -19.05 -12.39 -1.78
CA THR A 295 -19.21 -13.61 -0.98
C THR A 295 -20.51 -13.60 -0.16
N VAL A 296 -21.29 -14.68 -0.25
CA VAL A 296 -22.54 -14.79 0.50
C VAL A 296 -22.26 -15.33 1.90
N HIS A 297 -22.81 -14.71 2.93
CA HIS A 297 -22.54 -15.16 4.30
C HIS A 297 -23.70 -14.89 5.27
N TRP A 298 -23.72 -15.64 6.39
CA TRP A 298 -24.64 -15.44 7.51
C TRP A 298 -23.94 -15.85 8.85
N VAL A 299 -24.36 -15.24 9.97
CA VAL A 299 -23.60 -15.30 11.23
C VAL A 299 -24.49 -15.43 12.48
N GLN A 300 -24.03 -16.20 13.46
CA GLN A 300 -24.69 -16.24 14.78
C GLN A 300 -23.71 -16.22 15.94
N ALA A 301 -24.10 -15.53 17.01
CA ALA A 301 -23.29 -15.48 18.22
C ALA A 301 -23.43 -16.78 18.99
N VAL A 302 -22.30 -17.31 19.46
CA VAL A 302 -22.31 -18.51 20.28
C VAL A 302 -22.30 -18.12 21.76
N GLY A 303 -21.56 -17.06 22.09
CA GLY A 303 -21.53 -16.52 23.44
C GLY A 303 -22.06 -15.10 23.54
N TRP A 304 -21.71 -14.39 24.60
CA TRP A 304 -22.00 -12.96 24.73
C TRP A 304 -20.82 -12.14 24.16
N CYS A 305 -21.08 -11.28 23.17
CA CYS A 305 -20.01 -10.48 22.57
C CYS A 305 -20.48 -9.22 21.82
N ASN A 306 -19.53 -8.34 21.49
CA ASN A 306 -19.76 -7.24 20.55
C ASN A 306 -18.89 -7.43 19.30
N ASN A 307 -19.37 -6.89 18.17
CA ASN A 307 -18.59 -6.86 16.93
C ASN A 307 -18.57 -5.45 16.32
N ILE A 308 -17.55 -5.14 15.52
CA ILE A 308 -17.51 -3.94 14.69
C ILE A 308 -17.24 -4.33 13.23
N ALA A 309 -17.72 -3.53 12.28
CA ALA A 309 -17.64 -3.89 10.86
C ALA A 309 -17.79 -2.67 9.97
N TRP A 310 -17.25 -2.78 8.75
CA TRP A 310 -17.35 -1.71 7.73
C TRP A 310 -16.97 -2.35 6.41
N ASN A 311 -17.06 -1.61 5.31
CA ASN A 311 -16.67 -2.11 4.00
C ASN A 311 -15.35 -1.53 3.50
N VAL A 312 -14.76 -2.19 2.51
CA VAL A 312 -13.54 -1.73 1.85
C VAL A 312 -13.66 -2.08 0.36
N GLY A 313 -13.20 -1.21 -0.54
CA GLY A 313 -13.20 -1.54 -1.94
C GLY A 313 -11.80 -1.52 -2.57
N PRO A 314 -11.12 -2.69 -2.61
CA PRO A 314 -9.78 -2.79 -3.20
C PRO A 314 -9.79 -2.40 -4.67
N LEU A 315 -8.72 -1.75 -5.15
CA LEU A 315 -8.61 -1.43 -6.57
C LEU A 315 -8.23 -2.64 -7.41
N THR A 316 -9.18 -3.54 -7.65
CA THR A 316 -8.95 -4.71 -8.49
C THR A 316 -10.03 -4.83 -9.55
N ALA A 317 -9.71 -5.51 -10.66
CA ALA A 317 -10.69 -5.72 -11.72
C ALA A 317 -11.93 -6.46 -11.21
N CYS A 318 -11.70 -7.46 -10.36
CA CYS A 318 -12.77 -8.27 -9.78
C CYS A 318 -13.71 -7.46 -8.89
N GLN A 319 -13.16 -6.60 -8.04
CA GLN A 319 -14.01 -5.78 -7.17
C GLN A 319 -14.86 -4.81 -8.02
N TYR A 320 -14.24 -4.14 -8.98
CA TYR A 320 -14.98 -3.18 -9.80
C TYR A 320 -16.06 -3.89 -10.64
N LYS A 321 -15.68 -5.00 -11.25
CA LYS A 321 -16.62 -5.77 -12.05
C LYS A 321 -17.86 -6.18 -11.25
N LEU A 322 -17.64 -6.74 -10.06
CA LEU A 322 -18.76 -7.21 -9.24
C LEU A 322 -19.65 -6.07 -8.72
N ALA A 323 -19.04 -4.93 -8.43
CA ALA A 323 -19.78 -3.77 -7.95
C ALA A 323 -20.69 -3.23 -9.04
N VAL A 324 -20.17 -3.16 -10.26
CA VAL A 324 -20.97 -2.74 -11.40
C VAL A 324 -22.12 -3.71 -11.66
N GLU A 325 -21.85 -5.01 -11.59
CA GLU A 325 -22.90 -6.03 -11.81
C GLU A 325 -24.09 -5.89 -10.88
N ARG A 326 -23.80 -5.76 -9.58
CA ARG A 326 -24.84 -5.63 -8.57
C ARG A 326 -25.57 -4.30 -8.71
N TYR A 327 -24.84 -3.25 -9.09
CA TYR A 327 -25.44 -1.95 -9.42
C TYR A 327 -26.52 -2.05 -10.49
N GLU A 328 -26.24 -2.81 -11.55
CA GLU A 328 -27.20 -2.98 -12.64
C GLU A 328 -28.35 -3.92 -12.21
N TRP A 329 -28.01 -4.96 -11.46
CA TRP A 329 -29.02 -5.87 -10.93
C TRP A 329 -29.98 -5.17 -9.96
N ASN A 330 -29.48 -4.26 -9.13
CA ASN A 330 -30.33 -3.49 -8.20
C ASN A 330 -31.41 -2.67 -8.95
N LYS A 331 -31.09 -2.21 -10.16
CA LYS A 331 -32.07 -1.45 -10.93
C LYS A 331 -33.23 -2.35 -11.35
N LEU A 332 -32.91 -3.54 -11.86
CA LEU A 332 -33.93 -4.49 -12.24
C LEU A 332 -34.84 -4.87 -11.06
N LYS A 333 -34.27 -4.96 -9.87
CA LYS A 333 -35.02 -5.40 -8.71
C LYS A 333 -35.66 -4.24 -7.95
N SER A 334 -35.52 -3.02 -8.49
CA SER A 334 -36.05 -1.82 -7.83
C SER A 334 -35.50 -1.61 -6.44
N VAL A 335 -34.19 -1.76 -6.28
CA VAL A 335 -33.50 -1.59 -5.00
C VAL A 335 -32.46 -0.48 -5.17
N LYS A 336 -32.40 0.45 -4.24
CA LYS A 336 -31.41 1.53 -4.31
C LYS A 336 -29.97 1.02 -4.08
N SER A 337 -29.02 1.51 -4.87
CA SER A 337 -27.57 1.27 -4.67
C SER A 337 -26.96 2.33 -3.78
N PRO A 338 -26.46 1.93 -2.61
CA PRO A 338 -25.82 2.88 -1.70
C PRO A 338 -24.54 3.43 -2.28
N VAL A 339 -23.91 2.71 -3.20
CA VAL A 339 -22.72 3.25 -3.85
C VAL A 339 -23.05 3.81 -5.25
N PRO A 340 -22.82 5.12 -5.45
CA PRO A 340 -23.16 5.72 -6.75
C PRO A 340 -22.08 5.42 -7.79
N MET A 341 -22.20 4.31 -8.49
CA MET A 341 -21.08 3.82 -9.30
C MET A 341 -20.74 4.73 -10.50
N VAL A 342 -21.70 5.54 -10.98
CA VAL A 342 -21.37 6.49 -12.06
C VAL A 342 -20.46 7.62 -11.56
N HIS A 343 -20.87 8.25 -10.47
CA HIS A 343 -20.06 9.28 -9.84
C HIS A 343 -18.64 8.75 -9.46
N LEU A 344 -18.58 7.52 -8.94
CA LEU A 344 -17.31 6.90 -8.54
C LEU A 344 -16.40 6.68 -9.74
N SER A 345 -16.97 6.21 -10.84
CA SER A 345 -16.20 5.98 -12.04
C SER A 345 -15.51 7.26 -12.55
N TRP A 346 -16.22 8.38 -12.52
CA TRP A 346 -15.66 9.67 -12.93
C TRP A 346 -14.62 10.16 -11.94
N ASN A 347 -14.85 9.93 -10.65
CA ASN A 347 -13.86 10.33 -9.66
C ASN A 347 -12.54 9.57 -9.87
N MET A 348 -12.62 8.29 -10.21
CA MET A 348 -11.43 7.48 -10.50
C MET A 348 -10.66 8.01 -11.70
N ALA A 349 -11.39 8.30 -12.79
CA ALA A 349 -10.75 8.80 -14.01
C ALA A 349 -10.16 10.19 -13.79
N ARG A 350 -10.77 10.97 -12.90
CA ARG A 350 -10.28 12.30 -12.58
C ARG A 350 -8.99 12.24 -11.73
N ASN A 351 -8.95 11.30 -10.79
CA ASN A 351 -7.97 11.41 -9.70
C ASN A 351 -7.10 10.19 -9.41
N ILE A 352 -7.27 9.08 -10.10
CA ILE A 352 -6.50 7.89 -9.74
C ILE A 352 -5.74 7.35 -10.94
N LYS A 353 -4.45 7.06 -10.73
CA LYS A 353 -3.64 6.41 -11.75
C LYS A 353 -3.88 4.91 -11.68
N VAL A 354 -4.32 4.34 -12.78
CA VAL A 354 -4.66 2.94 -12.86
C VAL A 354 -3.65 2.22 -13.73
N SER A 355 -2.94 1.25 -13.15
CA SER A 355 -1.89 0.56 -13.87
C SER A 355 -2.23 -0.88 -14.19
N ASP A 356 -3.38 -1.37 -13.73
CA ASP A 356 -3.84 -2.69 -14.12
C ASP A 356 -4.64 -2.63 -15.43
N PRO A 357 -4.13 -3.29 -16.46
CA PRO A 357 -4.73 -3.32 -17.79
C PRO A 357 -6.19 -3.77 -17.79
N LYS A 358 -6.55 -4.79 -17.01
CA LYS A 358 -7.94 -5.25 -17.04
C LYS A 358 -8.86 -4.22 -16.39
N LEU A 359 -8.49 -3.76 -15.20
CA LEU A 359 -9.28 -2.78 -14.47
C LEU A 359 -9.46 -1.51 -15.31
N PHE A 360 -8.37 -1.06 -15.94
CA PHE A 360 -8.41 0.14 -16.77
C PHE A 360 -9.41 0.01 -17.91
N GLU A 361 -9.40 -1.13 -18.60
CA GLU A 361 -10.33 -1.32 -19.71
C GLU A 361 -11.79 -1.36 -19.25
N MET A 362 -12.06 -1.95 -18.08
CA MET A 362 -13.40 -1.94 -17.51
C MET A 362 -13.97 -0.53 -17.27
N ILE A 363 -13.17 0.31 -16.62
CA ILE A 363 -13.58 1.67 -16.30
C ILE A 363 -13.79 2.52 -17.55
N LYS A 364 -12.81 2.48 -18.44
CA LYS A 364 -12.85 3.17 -19.72
C LYS A 364 -14.12 2.80 -20.48
N TYR A 365 -14.45 1.51 -20.49
CA TYR A 365 -15.67 1.04 -21.13
C TYR A 365 -16.94 1.66 -20.51
N CYS A 366 -17.01 1.67 -19.17
CA CYS A 366 -18.15 2.23 -18.48
C CYS A 366 -18.30 3.73 -18.75
N LEU A 367 -17.18 4.46 -18.73
CA LEU A 367 -17.24 5.91 -18.92
C LEU A 367 -17.77 6.22 -20.30
N LEU A 368 -17.36 5.41 -21.26
CA LEU A 368 -17.77 5.60 -22.63
C LEU A 368 -19.27 5.40 -22.75
N LYS A 369 -19.80 4.40 -22.05
CA LYS A 369 -21.23 4.14 -22.09
C LYS A 369 -22.02 5.30 -21.49
N ILE A 370 -21.56 5.79 -20.34
CA ILE A 370 -22.17 6.93 -19.67
C ILE A 370 -22.22 8.15 -20.58
N LEU A 371 -21.07 8.43 -21.20
CA LEU A 371 -20.92 9.60 -22.07
C LEU A 371 -21.83 9.55 -23.29
N LYS A 372 -21.90 8.40 -23.94
CA LYS A 372 -22.78 8.24 -25.10
C LYS A 372 -24.26 8.38 -24.73
N GLN A 373 -24.68 7.73 -23.65
CA GLN A 373 -26.08 7.83 -23.23
C GLN A 373 -26.43 9.28 -22.87
N TYR A 374 -25.50 9.97 -22.21
CA TYR A 374 -25.70 11.37 -21.85
C TYR A 374 -25.79 12.25 -23.11
N GLN A 375 -24.92 12.01 -24.08
CA GLN A 375 -24.94 12.77 -25.33
C GLN A 375 -26.23 12.50 -26.12
N THR A 376 -26.71 11.26 -26.07
CA THR A 376 -27.94 10.90 -26.78
C THR A 376 -29.12 11.65 -26.16
N LEU A 377 -29.27 11.60 -24.85
CA LEU A 377 -30.34 12.32 -24.18
C LEU A 377 -30.28 13.83 -24.43
N ARG A 378 -29.09 14.44 -24.27
CA ARG A 378 -28.95 15.90 -24.39
C ARG A 378 -29.35 16.38 -25.78
N GLU A 379 -29.04 15.58 -26.80
CA GLU A 379 -29.41 15.98 -28.16
C GLU A 379 -30.90 15.85 -28.40
N ALA A 380 -31.55 14.85 -27.79
CA ALA A 380 -33.00 14.71 -27.99
C ALA A 380 -33.72 15.88 -27.33
N LEU A 381 -33.27 16.24 -26.12
CA LEU A 381 -33.80 17.41 -25.45
C LEU A 381 -33.64 18.68 -26.31
N VAL A 382 -32.45 18.87 -26.88
CA VAL A 382 -32.21 20.08 -27.66
C VAL A 382 -32.98 20.11 -28.97
N ALA A 383 -33.08 18.95 -29.63
CA ALA A 383 -33.84 18.85 -30.87
C ALA A 383 -35.32 19.13 -30.66
N ALA A 384 -35.79 18.97 -29.43
CA ALA A 384 -37.21 19.13 -29.14
C ALA A 384 -37.54 20.50 -28.55
N GLY A 385 -36.57 21.42 -28.55
CA GLY A 385 -36.81 22.77 -28.08
C GLY A 385 -36.71 23.00 -26.58
N LYS A 386 -36.21 22.01 -25.85
CA LYS A 386 -36.10 22.12 -24.40
C LYS A 386 -34.78 22.78 -24.01
N GLU A 387 -34.84 23.82 -23.20
CA GLU A 387 -33.65 24.54 -22.76
C GLU A 387 -32.86 23.73 -21.74
N VAL A 388 -31.54 23.68 -21.91
CA VAL A 388 -30.67 23.11 -20.90
C VAL A 388 -30.04 24.25 -20.12
N ILE A 389 -30.27 24.31 -18.81
CA ILE A 389 -29.78 25.42 -18.00
C ILE A 389 -28.47 25.09 -17.28
N TRP A 390 -27.44 25.95 -17.43
CA TRP A 390 -26.19 25.71 -16.73
C TRP A 390 -26.38 25.89 -15.23
N HIS A 391 -26.08 24.85 -14.46
CA HIS A 391 -26.35 24.85 -13.02
C HIS A 391 -25.09 24.59 -12.18
N GLY A 392 -24.13 23.87 -12.75
CA GLY A 392 -22.87 23.62 -12.08
C GLY A 392 -22.95 22.76 -10.83
N ARG A 393 -21.90 22.85 -10.01
CA ARG A 393 -21.73 21.96 -8.89
C ARG A 393 -21.06 22.68 -7.73
N THR A 394 -21.36 22.26 -6.49
CA THR A 394 -20.51 22.66 -5.37
C THR A 394 -19.59 21.48 -5.07
N ASN A 395 -18.42 21.75 -4.50
CA ASN A 395 -17.53 20.66 -4.12
C ASN A 395 -18.01 19.90 -2.88
N ASP A 396 -17.67 18.62 -2.82
CA ASP A 396 -18.18 17.66 -1.81
C ASP A 396 -19.70 17.55 -1.80
N GLU A 397 -20.32 17.87 -2.93
CA GLU A 397 -21.76 17.68 -3.15
C GLU A 397 -21.96 16.24 -3.60
N PRO A 398 -22.79 15.48 -2.86
CA PRO A 398 -22.99 14.06 -3.16
C PRO A 398 -23.52 13.85 -4.58
N ALA A 399 -23.38 12.62 -5.07
CA ALA A 399 -24.15 12.20 -6.22
C ALA A 399 -25.64 12.38 -5.91
N HIS A 400 -26.47 12.53 -6.93
CA HIS A 400 -27.90 12.67 -6.69
C HIS A 400 -28.66 11.42 -7.12
N TYR A 401 -29.74 11.09 -6.40
CA TYR A 401 -30.64 10.01 -6.78
C TYR A 401 -32.09 10.51 -7.05
N CYS A 402 -32.85 9.77 -7.86
CA CYS A 402 -34.22 10.16 -8.21
C CYS A 402 -35.16 10.08 -7.01
N SER A 403 -35.81 11.20 -6.69
CA SER A 403 -36.70 11.27 -5.53
C SER A 403 -37.89 10.31 -5.64
N ILE A 404 -38.16 9.81 -6.84
CA ILE A 404 -39.25 8.86 -6.99
C ILE A 404 -38.79 7.40 -7.02
N CYS A 405 -37.88 7.08 -7.94
CA CYS A 405 -37.49 5.69 -8.18
C CYS A 405 -36.11 5.35 -7.59
N GLU A 406 -35.37 6.36 -7.14
CA GLU A 406 -34.09 6.20 -6.44
C GLU A 406 -32.91 5.65 -7.25
N VAL A 407 -33.02 5.68 -8.58
CA VAL A 407 -31.87 5.44 -9.45
C VAL A 407 -30.89 6.61 -9.32
N GLU A 408 -29.59 6.34 -9.50
CA GLU A 408 -28.59 7.44 -9.55
C GLU A 408 -28.85 8.30 -10.78
N VAL A 409 -28.76 9.61 -10.62
CA VAL A 409 -28.92 10.52 -11.76
C VAL A 409 -27.63 11.31 -11.96
N PHE A 410 -27.10 11.28 -13.19
CA PHE A 410 -25.84 11.94 -13.50
C PHE A 410 -25.97 13.11 -14.47
N ASN A 411 -25.50 14.27 -14.02
CA ASN A 411 -25.33 15.50 -14.79
C ASN A 411 -26.63 16.22 -15.14
N LEU A 412 -27.45 15.62 -16.00
CA LEU A 412 -28.73 16.24 -16.39
C LEU A 412 -29.78 15.95 -15.33
N LEU A 413 -30.16 16.98 -14.57
CA LEU A 413 -31.14 16.81 -13.48
C LEU A 413 -32.52 17.38 -13.89
N PHE A 414 -33.57 16.65 -13.57
CA PHE A 414 -34.93 17.11 -13.91
C PHE A 414 -35.67 17.59 -12.65
N VAL A 415 -35.91 18.90 -12.60
CA VAL A 415 -36.46 19.58 -11.43
C VAL A 415 -37.77 20.31 -11.80
N THR A 416 -38.79 20.25 -10.95
CA THR A 416 -40.06 20.94 -11.25
C THR A 416 -39.87 22.44 -11.32
N ASN A 417 -40.63 23.13 -12.18
CA ASN A 417 -40.61 24.60 -12.24
C ASN A 417 -40.65 25.22 -10.84
N GLU A 418 -41.52 24.68 -10.00
CA GLU A 418 -41.71 25.18 -8.64
C GLU A 418 -40.50 24.94 -7.74
N SER A 419 -39.96 23.72 -7.76
CA SER A 419 -38.80 23.38 -6.91
C SER A 419 -37.58 24.22 -7.33
N ASN A 420 -37.48 24.47 -8.63
CA ASN A 420 -36.45 25.34 -9.17
C ASN A 420 -36.60 26.75 -8.61
N THR A 421 -37.80 27.28 -8.72
CA THR A 421 -38.13 28.61 -8.22
C THR A 421 -37.79 28.76 -6.74
N GLN A 422 -38.22 27.79 -5.93
CA GLN A 422 -37.98 27.79 -4.49
C GLN A 422 -36.54 27.44 -4.13
N LYS A 423 -35.74 27.11 -5.16
CA LYS A 423 -34.34 26.70 -4.99
C LYS A 423 -34.18 25.48 -4.05
N THR A 424 -35.11 24.53 -4.14
CA THR A 424 -34.98 23.28 -3.41
C THR A 424 -34.30 22.18 -4.26
N TYR A 425 -34.36 22.36 -5.59
CA TYR A 425 -33.64 21.50 -6.54
C TYR A 425 -33.81 19.99 -6.27
N ILE A 426 -35.04 19.56 -6.10
CA ILE A 426 -35.40 18.16 -5.91
C ILE A 426 -35.24 17.42 -7.25
N VAL A 427 -34.40 16.39 -7.26
CA VAL A 427 -33.97 15.74 -8.50
C VAL A 427 -34.90 14.59 -8.95
N HIS A 428 -35.19 14.56 -10.25
CA HIS A 428 -35.90 13.44 -10.86
C HIS A 428 -35.03 12.88 -11.99
N CYS A 429 -35.12 11.57 -12.23
CA CYS A 429 -34.56 11.04 -13.48
C CYS A 429 -35.46 11.43 -14.65
N HIS A 430 -34.95 11.25 -15.86
CA HIS A 430 -35.68 11.61 -17.07
C HIS A 430 -36.99 10.82 -17.20
N ASP A 431 -36.94 9.52 -16.91
CA ASP A 431 -38.13 8.70 -17.13
C ASP A 431 -39.25 9.06 -16.15
N CYS A 432 -38.89 9.29 -14.89
CA CYS A 432 -39.92 9.63 -13.90
C CYS A 432 -40.54 11.01 -14.21
N ALA A 433 -39.71 11.96 -14.61
CA ALA A 433 -40.21 13.28 -14.96
C ALA A 433 -41.17 13.21 -16.16
N ARG A 434 -40.83 12.42 -17.18
CA ARG A 434 -41.68 12.20 -18.36
C ARG A 434 -43.01 11.55 -18.03
N LYS A 435 -43.00 10.61 -17.08
CA LYS A 435 -44.24 9.92 -16.73
C LYS A 435 -45.22 10.89 -16.07
N THR A 436 -44.69 11.89 -15.37
CA THR A 436 -45.50 12.91 -14.73
C THR A 436 -45.96 13.98 -15.72
N SER A 437 -45.01 14.48 -16.49
CA SER A 437 -45.24 15.62 -17.39
C SER A 437 -44.81 15.22 -18.78
N LYS A 438 -45.79 14.90 -19.64
CA LYS A 438 -45.55 14.25 -20.92
C LYS A 438 -44.54 14.94 -21.85
N SER A 439 -44.56 16.27 -21.91
CA SER A 439 -43.61 17.02 -22.74
C SER A 439 -42.60 17.79 -21.86
N LEU A 440 -42.50 17.36 -20.61
CA LEU A 440 -41.63 18.01 -19.62
C LEU A 440 -41.99 19.46 -19.39
N GLU A 441 -43.25 19.85 -19.68
CA GLU A 441 -43.66 21.24 -19.51
C GLU A 441 -43.63 21.67 -18.04
N ASN A 442 -43.69 20.69 -17.13
CA ASN A 442 -43.62 21.00 -15.72
C ASN A 442 -42.19 21.01 -15.15
N PHE A 443 -41.19 20.81 -16.01
CA PHE A 443 -39.81 20.66 -15.51
C PHE A 443 -38.78 21.64 -16.13
N VAL A 444 -37.68 21.90 -15.42
CA VAL A 444 -36.50 22.50 -16.07
C VAL A 444 -35.35 21.47 -16.10
N VAL A 445 -34.49 21.56 -17.10
CA VAL A 445 -33.34 20.67 -17.20
C VAL A 445 -32.08 21.38 -16.73
N LEU A 446 -31.52 20.91 -15.61
CA LEU A 446 -30.29 21.47 -15.05
C LEU A 446 -29.06 20.64 -15.41
N GLU A 447 -28.00 21.29 -15.88
CA GLU A 447 -26.75 20.60 -16.26
C GLU A 447 -25.59 20.95 -15.32
N GLN A 448 -24.98 19.92 -14.71
CA GLN A 448 -23.96 20.11 -13.68
C GLN A 448 -22.51 20.13 -14.16
N TYR A 449 -22.26 19.49 -15.30
CA TYR A 449 -20.93 19.41 -15.88
C TYR A 449 -21.00 19.71 -17.37
N LYS A 450 -20.08 20.55 -17.86
CA LYS A 450 -20.02 20.84 -19.29
C LYS A 450 -19.52 19.63 -20.04
N MET A 451 -19.99 19.44 -21.27
CA MET A 451 -19.61 18.26 -22.00
C MET A 451 -18.13 18.26 -22.37
N GLU A 452 -17.59 19.45 -22.66
CA GLU A 452 -16.17 19.58 -23.00
C GLU A 452 -15.31 19.08 -21.82
N ASP A 453 -15.73 19.43 -20.62
CA ASP A 453 -15.06 18.97 -19.42
C ASP A 453 -15.05 17.42 -19.32
N LEU A 454 -16.18 16.80 -19.59
CA LEU A 454 -16.29 15.34 -19.48
C LEU A 454 -15.48 14.62 -20.56
N ILE A 455 -15.49 15.17 -21.76
CA ILE A 455 -14.73 14.60 -22.86
C ILE A 455 -13.24 14.66 -22.56
N GLN A 456 -12.82 15.77 -21.97
CA GLN A 456 -11.44 15.95 -21.57
C GLN A 456 -11.00 14.91 -20.52
N VAL A 457 -11.79 14.75 -19.47
CA VAL A 457 -11.45 13.78 -18.43
C VAL A 457 -11.31 12.39 -19.04
N TYR A 458 -12.25 12.03 -19.90
CA TYR A 458 -12.20 10.73 -20.55
C TYR A 458 -10.97 10.57 -21.42
N ASP A 459 -10.66 11.57 -22.25
CA ASP A 459 -9.52 11.47 -23.14
C ASP A 459 -8.19 11.45 -22.40
N GLN A 460 -8.10 12.15 -21.27
CA GLN A 460 -6.83 12.17 -20.54
C GLN A 460 -6.68 10.97 -19.61
N PHE A 461 -7.68 10.10 -19.58
CA PHE A 461 -7.62 8.90 -18.74
C PHE A 461 -6.89 7.80 -19.52
N THR A 462 -5.64 7.57 -19.13
CA THR A 462 -4.79 6.59 -19.80
C THR A 462 -4.15 5.61 -18.83
N LEU A 463 -3.75 4.46 -19.36
CA LEU A 463 -3.12 3.42 -18.56
C LEU A 463 -1.73 3.85 -18.07
N ALA A 464 -1.56 3.89 -16.76
CA ALA A 464 -0.27 4.18 -16.16
C ALA A 464 0.63 2.94 -16.22
N LEU A 465 1.93 3.15 -16.30
CA LEU A 465 2.90 2.05 -16.28
C LEU A 465 3.31 1.68 -14.85
N SER A 466 3.10 0.43 -14.47
CA SER A 466 3.71 -0.08 -13.24
C SER A 466 4.45 -1.40 -13.51
N LEU A 467 5.63 -1.53 -12.94
CA LEU A 467 6.39 -2.76 -13.13
C LEU A 467 6.01 -3.88 -12.16
N SER A 468 5.14 -3.58 -11.19
CA SER A 468 4.70 -4.57 -10.20
C SER A 468 3.93 -5.70 -10.88
N ASP B 5 18.65 -14.24 23.24
CA ASP B 5 17.42 -13.56 22.86
C ASP B 5 17.28 -13.45 21.34
N LYS B 6 16.11 -13.82 20.84
CA LYS B 6 15.82 -13.74 19.41
C LYS B 6 15.70 -12.30 18.94
N LEU B 7 15.55 -11.36 19.88
CA LEU B 7 15.45 -9.95 19.54
C LEU B 7 16.82 -9.28 19.54
N ASN B 8 17.83 -9.99 20.02
N ASN B 8 17.83 -9.99 20.04
CA ASN B 8 19.20 -9.48 19.99
CA ASN B 8 19.22 -9.53 20.02
C ASN B 8 20.15 -10.53 19.40
C ASN B 8 20.11 -10.60 19.41
N PRO B 9 19.95 -10.87 18.11
CA PRO B 9 20.67 -11.99 17.46
C PRO B 9 22.15 -11.72 17.14
N PRO B 10 22.95 -12.80 16.99
CA PRO B 10 24.36 -12.66 16.63
C PRO B 10 24.50 -12.12 15.23
N THR B 11 25.60 -11.44 14.95
CA THR B 11 25.82 -10.90 13.60
C THR B 11 26.51 -11.92 12.70
N PRO B 12 25.93 -12.20 11.53
CA PRO B 12 26.60 -13.07 10.54
C PRO B 12 28.02 -12.55 10.24
N SER B 13 28.99 -13.41 10.54
CA SER B 13 30.40 -13.04 10.49
C SER B 13 31.26 -14.04 9.72
N ILE B 14 32.34 -13.52 9.17
CA ILE B 14 33.34 -14.29 8.47
C ILE B 14 34.70 -13.82 9.00
N TYR B 15 35.51 -14.77 9.47
CA TYR B 15 36.85 -14.45 9.97
C TYR B 15 37.91 -14.89 8.97
N LEU B 16 38.63 -13.93 8.39
CA LEU B 16 39.69 -14.21 7.40
C LEU B 16 41.09 -14.24 8.00
N GLU B 17 41.95 -15.10 7.45
CA GLU B 17 43.36 -15.13 7.86
C GLU B 17 44.32 -14.68 6.75
N ASN B 18 44.03 -15.03 5.49
CA ASN B 18 44.96 -14.75 4.39
C ASN B 18 44.23 -14.49 3.05
N LYS B 19 44.98 -14.08 2.03
CA LYS B 19 44.39 -13.58 0.78
C LYS B 19 43.51 -14.55 -0.01
N ARG B 20 43.77 -15.85 0.10
CA ARG B 20 42.99 -16.84 -0.65
C ARG B 20 41.58 -17.03 -0.10
N ASP B 21 41.46 -16.87 1.22
CA ASP B 21 40.15 -16.96 1.86
C ASP B 21 39.15 -15.97 1.25
N ALA B 22 39.62 -14.77 0.93
CA ALA B 22 38.78 -13.70 0.38
C ALA B 22 38.16 -14.06 -0.97
N PHE B 23 38.82 -14.90 -1.74
CA PHE B 23 38.32 -15.20 -3.07
C PHE B 23 37.62 -16.55 -3.16
N PHE B 24 37.53 -17.24 -2.02
CA PHE B 24 36.80 -18.50 -1.91
C PHE B 24 35.31 -18.27 -2.12
N PRO B 25 34.74 -18.89 -3.18
CA PRO B 25 33.35 -18.69 -3.63
C PRO B 25 32.24 -18.82 -2.57
N PRO B 26 32.41 -19.69 -1.55
CA PRO B 26 31.32 -19.66 -0.56
C PRO B 26 31.19 -18.31 0.17
N LEU B 27 32.22 -17.48 0.12
CA LEU B 27 32.18 -16.13 0.69
C LEU B 27 31.15 -15.29 -0.03
N HIS B 28 31.22 -15.30 -1.36
CA HIS B 28 30.25 -14.63 -2.20
C HIS B 28 28.80 -15.04 -1.90
N GLN B 29 28.58 -16.35 -1.79
CA GLN B 29 27.26 -16.93 -1.53
C GLN B 29 26.70 -16.65 -0.13
N PHE B 30 27.58 -16.58 0.85
CA PHE B 30 27.16 -16.24 2.21
C PHE B 30 26.62 -14.81 2.27
N CYS B 31 27.31 -13.90 1.60
CA CYS B 31 26.91 -12.49 1.61
C CYS B 31 25.57 -12.24 0.93
N THR B 32 25.31 -12.91 -0.19
CA THR B 32 24.09 -12.62 -0.95
C THR B 32 22.86 -13.43 -0.52
N ASN B 33 23.06 -14.38 0.39
CA ASN B 33 21.96 -15.16 0.95
C ASN B 33 20.99 -14.27 1.75
N PRO B 34 19.71 -14.21 1.32
CA PRO B 34 18.68 -13.37 1.94
C PRO B 34 18.48 -13.68 3.43
N LYS B 35 18.91 -14.84 3.90
CA LYS B 35 18.80 -15.18 5.32
C LYS B 35 19.72 -14.33 6.20
N ASN B 36 20.78 -13.77 5.60
CA ASN B 36 21.69 -12.87 6.32
C ASN B 36 21.48 -11.40 5.94
N PRO B 37 20.78 -10.64 6.81
CA PRO B 37 20.49 -9.23 6.52
C PRO B 37 21.76 -8.38 6.41
N VAL B 38 22.85 -8.82 7.05
CA VAL B 38 24.15 -8.12 7.04
C VAL B 38 25.28 -9.14 7.22
N THR B 39 26.42 -8.92 6.57
CA THR B 39 27.61 -9.76 6.82
C THR B 39 28.81 -8.89 7.18
N VAL B 40 29.50 -9.23 8.27
CA VAL B 40 30.73 -8.51 8.58
C VAL B 40 31.92 -9.42 8.27
N ILE B 41 32.78 -8.94 7.37
CA ILE B 41 33.98 -9.67 6.98
C ILE B 41 35.16 -9.12 7.78
N ARG B 42 35.50 -9.82 8.84
CA ARG B 42 36.55 -9.39 9.76
C ARG B 42 37.91 -9.61 9.13
N GLY B 43 38.82 -8.66 9.34
CA GLY B 43 40.19 -8.77 8.86
C GLY B 43 40.38 -8.64 7.36
N LEU B 44 39.39 -8.09 6.67
CA LEU B 44 39.38 -8.07 5.22
C LEU B 44 40.57 -7.34 4.56
N ALA B 45 40.85 -6.11 4.98
CA ALA B 45 41.93 -5.34 4.34
C ALA B 45 43.31 -5.97 4.66
N GLY B 46 43.49 -6.44 5.89
CA GLY B 46 44.70 -7.15 6.27
C GLY B 46 44.93 -8.36 5.37
N ALA B 47 43.90 -9.18 5.18
CA ALA B 47 44.00 -10.36 4.32
C ALA B 47 44.42 -10.04 2.90
N LEU B 48 43.94 -8.94 2.34
CA LEU B 48 44.22 -8.62 0.95
C LEU B 48 45.47 -7.74 0.85
N LYS B 49 45.98 -7.34 2.01
CA LYS B 49 47.05 -6.35 2.10
C LYS B 49 46.63 -5.07 1.38
N LEU B 50 45.41 -4.62 1.65
CA LEU B 50 44.92 -3.32 1.18
C LEU B 50 45.57 -2.19 1.95
N ASP B 51 46.10 -1.21 1.24
CA ASP B 51 46.72 -0.06 1.90
C ASP B 51 45.64 0.97 2.31
N LEU B 52 45.16 0.87 3.54
CA LEU B 52 44.17 1.80 4.05
C LEU B 52 44.73 3.22 4.18
N GLY B 53 46.05 3.35 4.25
CA GLY B 53 46.69 4.64 4.35
C GLY B 53 46.42 5.59 3.19
N LEU B 54 46.10 5.03 2.03
CA LEU B 54 45.72 5.83 0.87
C LEU B 54 44.42 6.64 1.11
N PHE B 55 43.71 6.33 2.19
CA PHE B 55 42.45 6.99 2.53
C PHE B 55 42.55 7.71 3.88
N SER B 56 43.77 7.83 4.41
CA SER B 56 43.96 8.60 5.65
C SER B 56 43.69 10.08 5.40
N THR B 57 43.29 10.79 6.43
CA THR B 57 43.00 12.21 6.30
C THR B 57 44.23 12.98 5.77
N LYS B 58 45.43 12.61 6.23
CA LYS B 58 46.67 13.21 5.74
C LYS B 58 46.86 13.05 4.24
N THR B 59 46.76 11.81 3.76
CA THR B 59 46.85 11.55 2.33
C THR B 59 45.80 12.34 1.53
N LEU B 60 44.55 12.38 2.01
CA LEU B 60 43.47 13.05 1.24
C LEU B 60 43.69 14.56 1.13
N VAL B 61 44.15 15.18 2.22
CA VAL B 61 44.49 16.60 2.25
C VAL B 61 45.57 16.93 1.23
N GLU B 62 46.64 16.12 1.19
CA GLU B 62 47.70 16.35 0.21
C GLU B 62 47.18 16.23 -1.23
N ALA B 63 46.35 15.23 -1.48
CA ALA B 63 45.87 14.98 -2.86
C ALA B 63 44.87 16.04 -3.39
N ASN B 64 43.82 16.37 -2.63
CA ASN B 64 42.79 17.32 -3.12
C ASN B 64 42.25 18.20 -2.01
N ASN B 65 43.05 19.15 -1.54
CA ASN B 65 42.71 19.86 -0.31
C ASN B 65 41.46 20.75 -0.41
N GLU B 66 41.05 21.11 -1.62
CA GLU B 66 39.88 21.97 -1.80
C GLU B 66 38.61 21.20 -2.17
N HIS B 67 38.69 19.87 -2.14
CA HIS B 67 37.55 19.03 -2.55
C HIS B 67 36.33 19.24 -1.64
N MET B 68 35.12 19.20 -2.21
CA MET B 68 33.93 19.49 -1.42
C MET B 68 33.57 18.37 -0.44
N VAL B 69 33.16 18.79 0.76
CA VAL B 69 32.66 17.91 1.81
C VAL B 69 31.26 18.40 2.19
N GLU B 70 30.28 17.50 2.27
CA GLU B 70 28.95 17.85 2.81
C GLU B 70 28.94 17.69 4.32
N VAL B 71 28.65 18.76 5.05
CA VAL B 71 28.70 18.72 6.51
C VAL B 71 27.31 18.54 7.13
N ARG B 72 27.18 17.60 8.08
CA ARG B 72 25.99 17.54 8.92
C ARG B 72 26.38 18.01 10.31
N THR B 73 25.66 19.01 10.80
CA THR B 73 25.89 19.50 12.16
C THR B 73 24.87 18.85 13.07
N GLN B 74 25.35 18.17 14.11
CA GLN B 74 24.50 17.33 14.96
C GLN B 74 24.75 17.58 16.43
N LEU B 75 23.85 17.06 17.25
CA LEU B 75 24.04 17.04 18.68
C LEU B 75 24.71 15.71 19.06
N LEU B 76 25.67 15.77 19.96
CA LEU B 76 26.33 14.57 20.46
C LEU B 76 25.41 13.84 21.42
N GLN B 77 24.93 12.66 21.04
CA GLN B 77 23.99 11.96 21.89
C GLN B 77 24.69 10.84 22.65
N PRO B 78 24.17 10.47 23.84
CA PRO B 78 24.75 9.39 24.66
C PRO B 78 24.43 7.99 24.13
N ALA B 79 25.45 7.13 24.13
CA ALA B 79 25.32 5.72 23.78
C ALA B 79 24.50 5.48 22.52
N ASP B 80 23.39 4.79 22.66
CA ASP B 80 22.59 4.38 21.50
C ASP B 80 21.26 5.11 21.49
N GLU B 81 21.18 6.22 22.23
CA GLU B 81 19.93 6.92 22.46
C GLU B 81 19.82 8.19 21.62
N ASN B 82 18.61 8.74 21.59
CA ASN B 82 18.38 10.04 20.97
C ASN B 82 17.32 10.82 21.75
N TRP B 83 17.72 11.98 22.25
CA TRP B 83 16.88 12.81 23.09
C TRP B 83 16.44 14.05 22.34
N ASP B 84 15.25 14.58 22.66
CA ASP B 84 14.83 15.89 22.16
C ASP B 84 15.83 16.96 22.62
N PRO B 85 15.91 18.10 21.92
CA PRO B 85 16.90 19.13 22.27
C PRO B 85 16.94 19.50 23.76
N THR B 86 15.78 19.53 24.42
CA THR B 86 15.75 19.95 25.82
C THR B 86 16.23 18.86 26.76
N GLY B 87 16.28 17.62 26.27
CA GLY B 87 16.78 16.52 27.07
C GLY B 87 15.75 15.89 27.99
N THR B 88 14.48 16.11 27.66
CA THR B 88 13.37 15.67 28.49
C THR B 88 12.96 14.23 28.20
N LYS B 89 12.76 13.93 26.92
CA LYS B 89 12.30 12.60 26.53
C LYS B 89 13.07 12.08 25.31
N LYS B 90 13.11 10.76 25.18
CA LYS B 90 13.71 10.12 24.01
C LYS B 90 12.72 10.11 22.83
N ILE B 91 13.17 10.61 21.67
CA ILE B 91 12.36 10.68 20.44
C ILE B 91 13.14 10.14 19.24
N TRP B 92 12.43 9.89 18.14
CA TRP B 92 13.06 9.37 16.91
C TRP B 92 13.64 10.47 16.02
N ARG B 93 12.98 11.63 15.94
CA ARG B 93 13.44 12.73 15.11
C ARG B 93 14.79 13.26 15.58
N CYS B 94 15.75 13.42 14.68
CA CYS B 94 17.02 14.00 15.10
C CYS B 94 17.47 15.19 14.28
N GLU B 95 18.12 16.13 14.95
CA GLU B 95 18.58 17.38 14.34
C GLU B 95 19.80 17.17 13.45
N SER B 96 19.73 17.66 12.20
CA SER B 96 20.84 17.48 11.26
C SER B 96 20.94 18.57 10.18
N ASN B 97 21.49 19.74 10.53
CA ASN B 97 21.62 20.87 9.61
C ASN B 97 22.71 20.64 8.55
N ARG B 98 22.46 21.12 7.34
CA ARG B 98 23.38 20.88 6.20
C ARG B 98 24.17 22.15 5.85
N SER B 99 25.46 21.98 5.50
CA SER B 99 26.35 23.02 4.96
C SER B 99 27.47 22.34 4.13
N HIS B 100 28.40 23.12 3.58
CA HIS B 100 29.54 22.61 2.82
C HIS B 100 30.85 23.06 3.47
N THR B 101 31.91 22.24 3.33
CA THR B 101 33.25 22.70 3.65
C THR B 101 34.23 22.03 2.69
N THR B 102 35.54 22.16 2.93
CA THR B 102 36.53 21.45 2.13
C THR B 102 37.23 20.32 2.92
N ILE B 103 37.86 19.39 2.20
CA ILE B 103 38.62 18.32 2.88
C ILE B 103 39.65 18.93 3.82
N ALA B 104 40.35 19.97 3.33
CA ALA B 104 41.34 20.64 4.17
C ALA B 104 40.72 21.25 5.42
N LYS B 105 39.54 21.85 5.33
CA LYS B 105 39.04 22.52 6.55
C LYS B 105 38.40 21.51 7.51
N TYR B 106 37.86 20.42 6.99
CA TYR B 106 37.30 19.43 7.88
C TYR B 106 38.45 18.71 8.59
N ALA B 107 39.56 18.48 7.88
CA ALA B 107 40.74 17.83 8.48
C ALA B 107 41.23 18.55 9.74
N GLN B 108 41.36 19.86 9.61
CA GLN B 108 41.75 20.72 10.72
C GLN B 108 40.82 20.54 11.95
N TYR B 109 39.52 20.47 11.70
CA TYR B 109 38.53 20.19 12.74
C TYR B 109 38.61 18.76 13.32
N GLN B 110 38.81 17.77 12.47
CA GLN B 110 38.98 16.39 12.96
C GLN B 110 40.19 16.29 13.91
N ALA B 111 41.33 16.86 13.47
CA ALA B 111 42.58 16.85 14.25
C ALA B 111 42.44 17.60 15.58
N SER B 112 41.87 18.80 15.57
CA SER B 112 41.86 19.59 16.80
C SER B 112 40.82 19.05 17.79
N SER B 113 39.77 18.44 17.26
CA SER B 113 38.79 17.71 18.07
C SER B 113 39.46 16.62 18.94
N PHE B 114 40.37 15.87 18.33
CA PHE B 114 41.10 14.82 19.04
C PHE B 114 42.02 15.42 20.10
N GLN B 115 42.77 16.45 19.73
CA GLN B 115 43.66 17.16 20.68
C GLN B 115 42.91 17.63 21.90
N GLU B 116 41.73 18.19 21.65
CA GLU B 116 40.91 18.75 22.71
C GLU B 116 40.51 17.68 23.75
N SER B 117 40.18 16.47 23.28
CA SER B 117 39.80 15.41 24.21
C SER B 117 41.01 14.87 24.97
N LEU B 118 42.19 14.96 24.37
CA LEU B 118 43.42 14.58 25.05
C LEU B 118 43.59 15.44 26.28
N ARG B 119 43.41 16.74 26.10
CA ARG B 119 43.57 17.68 27.19
C ARG B 119 42.49 17.50 28.25
N GLU B 120 41.26 17.21 27.80
CA GLU B 120 40.17 16.97 28.72
C GLU B 120 40.44 15.76 29.59
N GLU B 121 40.96 14.71 28.97
CA GLU B 121 41.33 13.46 29.66
C GLU B 121 42.35 13.72 30.77
N ASN B 122 43.06 14.83 30.64
CA ASN B 122 44.09 15.20 31.60
C ASN B 122 43.70 16.35 32.57
N GLU B 123 42.40 16.61 32.70
CA GLU B 123 41.94 17.64 33.64
C GLU B 123 41.48 17.03 34.96
N PRO B 149 22.75 20.08 28.91
CA PRO B 149 22.69 20.42 27.50
C PRO B 149 23.74 19.68 26.65
N PHE B 150 23.44 19.47 25.37
CA PHE B 150 24.31 18.66 24.51
C PHE B 150 25.29 19.50 23.70
N LYS B 151 26.47 18.91 23.52
CA LYS B 151 27.53 19.48 22.71
C LYS B 151 27.17 19.38 21.21
N THR B 152 27.80 20.21 20.38
CA THR B 152 27.60 20.17 18.94
C THR B 152 28.80 19.53 18.23
N ILE B 153 28.55 18.64 17.27
CA ILE B 153 29.63 18.06 16.48
C ILE B 153 29.37 18.18 14.97
N LYS B 154 30.43 18.02 14.17
CA LYS B 154 30.32 18.08 12.73
C LYS B 154 30.77 16.78 12.08
N PHE B 155 29.97 16.30 11.13
CA PHE B 155 30.16 15.02 10.44
C PHE B 155 30.37 15.29 8.94
N GLY B 156 31.51 14.85 8.41
CA GLY B 156 31.84 15.03 6.99
C GLY B 156 31.36 13.88 6.14
N THR B 157 30.35 14.13 5.30
N THR B 157 30.42 14.15 5.24
CA THR B 157 29.69 13.07 4.55
CA THR B 157 29.72 13.08 4.56
C THR B 157 29.76 13.22 3.03
C THR B 157 29.65 13.25 3.04
N ASN B 158 29.36 12.15 2.34
CA ASN B 158 29.19 12.14 0.87
C ASN B 158 30.28 12.79 0.05
N ILE B 159 31.54 12.53 0.39
CA ILE B 159 32.65 13.10 -0.38
C ILE B 159 32.81 12.32 -1.70
N ASP B 160 32.80 13.03 -2.83
CA ASP B 160 32.69 12.39 -4.14
C ASP B 160 34.06 11.98 -4.68
N LEU B 161 34.30 10.67 -4.76
CA LEU B 161 35.54 10.14 -5.30
C LEU B 161 35.34 9.48 -6.66
N SER B 162 34.47 10.03 -7.49
CA SER B 162 34.25 9.48 -8.84
C SER B 162 35.36 9.78 -9.86
N ASP B 163 36.14 10.84 -9.62
CA ASP B 163 37.09 11.31 -10.66
C ASP B 163 38.40 10.51 -10.64
N ASN B 164 38.62 9.70 -11.67
CA ASN B 164 39.77 8.79 -11.71
C ASN B 164 41.11 9.53 -11.87
N LYS B 165 41.09 10.74 -12.42
CA LYS B 165 42.31 11.52 -12.57
C LYS B 165 42.68 12.22 -11.26
N LYS B 166 41.70 12.40 -10.36
CA LYS B 166 41.98 12.98 -9.05
C LYS B 166 42.31 11.96 -7.95
N TRP B 167 41.88 10.71 -8.15
CA TRP B 167 42.00 9.68 -7.12
C TRP B 167 42.52 8.35 -7.68
N LYS B 168 43.41 8.42 -8.68
CA LYS B 168 43.83 7.22 -9.41
C LYS B 168 44.31 6.08 -8.51
N LEU B 169 45.20 6.38 -7.57
CA LEU B 169 45.77 5.35 -6.72
C LEU B 169 44.71 4.78 -5.77
N GLN B 170 43.81 5.64 -5.29
CA GLN B 170 42.75 5.20 -4.39
C GLN B 170 41.85 4.19 -5.07
N LEU B 171 41.37 4.53 -6.25
CA LEU B 171 40.45 3.66 -6.95
C LEU B 171 41.15 2.37 -7.38
N HIS B 172 42.44 2.46 -7.68
CA HIS B 172 43.16 1.26 -8.10
C HIS B 172 43.27 0.25 -6.95
N GLU B 173 43.48 0.74 -5.74
CA GLU B 173 43.60 -0.10 -4.57
C GLU B 173 42.36 -0.98 -4.39
N LEU B 174 41.19 -0.45 -4.75
CA LEU B 174 39.92 -1.15 -4.56
C LEU B 174 39.67 -2.24 -5.61
N THR B 175 40.50 -2.30 -6.64
CA THR B 175 40.40 -3.39 -7.62
C THR B 175 40.98 -4.71 -7.09
N LYS B 176 41.60 -4.66 -5.91
CA LYS B 176 42.13 -5.84 -5.27
C LYS B 176 41.04 -6.68 -4.61
N LEU B 177 39.85 -6.12 -4.49
CA LEU B 177 38.71 -6.82 -3.88
C LEU B 177 38.24 -7.97 -4.77
N PRO B 178 37.62 -9.01 -4.16
CA PRO B 178 36.92 -10.03 -4.95
C PRO B 178 35.82 -9.41 -5.82
N ALA B 179 35.57 -10.03 -6.97
CA ALA B 179 34.74 -9.44 -8.00
C ALA B 179 33.37 -8.98 -7.49
N PHE B 180 32.73 -9.80 -6.65
CA PHE B 180 31.34 -9.53 -6.24
C PHE B 180 31.19 -8.26 -5.39
N ALA B 181 32.29 -7.78 -4.83
CA ALA B 181 32.26 -6.60 -3.99
C ALA B 181 32.84 -5.35 -4.66
N ARG B 182 33.32 -5.48 -5.90
CA ARG B 182 33.95 -4.35 -6.60
C ARG B 182 32.94 -3.30 -7.05
N VAL B 183 33.40 -2.06 -7.17
CA VAL B 183 32.59 -0.97 -7.72
C VAL B 183 32.14 -1.28 -9.15
N VAL B 184 33.02 -1.87 -9.93
CA VAL B 184 32.73 -2.26 -11.32
C VAL B 184 32.94 -3.75 -11.54
N SER B 185 31.92 -4.44 -12.05
CA SER B 185 32.09 -5.85 -12.44
C SER B 185 30.97 -6.34 -13.35
N ALA B 186 31.25 -7.40 -14.10
CA ALA B 186 30.30 -7.89 -15.10
C ALA B 186 29.06 -8.46 -14.43
N GLY B 187 29.21 -8.87 -13.18
CA GLY B 187 28.12 -9.45 -12.42
C GLY B 187 27.34 -8.45 -11.58
N ASN B 188 27.63 -7.16 -11.77
CA ASN B 188 26.99 -6.09 -10.99
C ASN B 188 25.93 -5.34 -11.83
N LEU B 189 24.67 -5.42 -11.42
CA LEU B 189 23.59 -4.74 -12.16
C LEU B 189 23.87 -3.26 -12.40
N LEU B 190 24.48 -2.59 -11.42
CA LEU B 190 24.76 -1.16 -11.57
C LEU B 190 25.79 -0.88 -12.65
N THR B 191 26.58 -1.90 -13.01
CA THR B 191 27.55 -1.77 -14.09
C THR B 191 26.84 -1.84 -15.45
N HIS B 192 25.61 -2.34 -15.46
CA HIS B 192 24.88 -2.47 -16.71
C HIS B 192 23.88 -1.33 -16.95
N VAL B 193 23.90 -0.33 -16.07
CA VAL B 193 23.04 0.83 -16.29
C VAL B 193 23.53 1.60 -17.53
N GLY B 194 24.85 1.63 -17.72
CA GLY B 194 25.43 2.28 -18.87
C GLY B 194 25.69 3.74 -18.63
N HIS B 195 25.51 4.18 -17.39
CA HIS B 195 25.78 5.59 -17.07
C HIS B 195 26.27 5.59 -15.61
N THR B 196 27.05 6.59 -15.22
CA THR B 196 27.38 6.89 -13.84
C THR B 196 26.14 7.25 -13.04
N ILE B 197 25.95 6.61 -11.89
CA ILE B 197 25.01 7.08 -10.88
C ILE B 197 25.78 7.44 -9.62
N LEU B 198 25.93 8.75 -9.37
CA LEU B 198 26.87 9.24 -8.35
C LEU B 198 26.59 8.70 -6.96
N GLY B 199 27.61 8.10 -6.33
CA GLY B 199 27.43 7.53 -5.01
C GLY B 199 26.95 6.09 -5.03
N MET B 200 26.51 5.60 -6.18
CA MET B 200 26.08 4.20 -6.25
C MET B 200 27.09 3.31 -6.97
N ASN B 201 27.34 3.57 -8.25
CA ASN B 201 28.44 2.89 -8.93
C ASN B 201 29.68 3.79 -8.99
N THR B 202 29.80 4.73 -8.05
CA THR B 202 31.05 5.48 -7.82
C THR B 202 31.26 5.57 -6.31
N VAL B 203 32.49 5.80 -5.87
CA VAL B 203 32.83 5.72 -4.44
C VAL B 203 32.57 7.02 -3.65
N GLN B 204 32.02 6.87 -2.44
CA GLN B 204 31.86 7.98 -1.53
C GLN B 204 32.72 7.83 -0.28
N LEU B 205 33.24 8.94 0.26
CA LEU B 205 34.03 8.88 1.48
C LEU B 205 33.36 9.68 2.59
N TYR B 206 33.63 9.27 3.84
CA TYR B 206 33.08 9.87 5.04
C TYR B 206 34.21 10.14 6.04
N MET B 207 34.26 11.35 6.60
CA MET B 207 35.27 11.71 7.61
C MET B 207 34.55 12.04 8.89
N LYS B 208 34.97 11.44 10.01
CA LYS B 208 34.17 11.47 11.24
C LYS B 208 34.91 11.85 12.51
N VAL B 209 34.12 12.33 13.49
CA VAL B 209 34.50 12.50 14.89
C VAL B 209 33.53 11.67 15.75
N PRO B 210 33.88 11.38 17.01
CA PRO B 210 32.99 10.54 17.82
C PRO B 210 31.58 11.11 17.89
N GLY B 211 30.58 10.26 17.68
CA GLY B 211 29.20 10.72 17.69
C GLY B 211 28.60 10.97 16.31
N SER B 212 29.42 11.08 15.27
CA SER B 212 28.94 11.26 13.90
C SER B 212 27.95 10.16 13.47
N ARG B 213 26.71 10.56 13.18
CA ARG B 213 25.65 9.58 12.91
C ARG B 213 25.07 9.65 11.50
N THR B 214 24.94 8.46 10.92
CA THR B 214 24.15 8.24 9.73
C THR B 214 22.79 7.67 10.13
N PRO B 215 21.72 8.46 9.96
CA PRO B 215 20.37 8.10 10.41
C PRO B 215 19.77 6.89 9.66
N GLY B 216 18.63 6.41 10.15
CA GLY B 216 17.98 5.23 9.62
C GLY B 216 17.52 5.37 8.18
N HIS B 217 17.77 4.33 7.39
CA HIS B 217 17.42 4.34 5.97
C HIS B 217 17.57 2.97 5.36
N GLN B 218 16.98 2.80 4.19
CA GLN B 218 17.29 1.72 3.27
C GLN B 218 18.10 2.34 2.14
N GLU B 219 18.93 1.55 1.46
CA GLU B 219 19.68 2.03 0.30
C GLU B 219 18.77 2.46 -0.86
N ASN B 220 19.29 3.32 -1.74
CA ASN B 220 18.57 3.76 -2.94
C ASN B 220 18.12 2.56 -3.75
N ASN B 221 16.82 2.51 -4.06
CA ASN B 221 16.21 1.39 -4.80
C ASN B 221 16.59 0.01 -4.20
N ASN B 222 16.83 -0.02 -2.89
CA ASN B 222 17.13 -1.25 -2.16
C ASN B 222 18.32 -2.06 -2.70
N PHE B 223 19.29 -1.41 -3.33
CA PHE B 223 20.46 -2.13 -3.79
C PHE B 223 21.39 -2.45 -2.61
N CYS B 224 22.17 -3.53 -2.71
CA CYS B 224 23.15 -3.86 -1.66
C CYS B 224 24.19 -2.75 -1.48
N SER B 225 24.87 -2.78 -0.34
CA SER B 225 25.94 -1.82 -0.02
C SER B 225 27.25 -2.45 0.53
N VAL B 226 28.38 -1.84 0.22
CA VAL B 226 29.69 -2.21 0.76
C VAL B 226 30.27 -1.03 1.54
N ASN B 227 30.76 -1.27 2.75
CA ASN B 227 31.38 -0.21 3.58
C ASN B 227 32.68 -0.72 4.24
N ILE B 228 33.79 -0.02 4.03
CA ILE B 228 35.06 -0.36 4.69
C ILE B 228 35.50 0.73 5.68
N ASN B 229 35.78 0.36 6.91
CA ASN B 229 36.29 1.32 7.88
C ASN B 229 37.80 1.54 7.73
N ILE B 230 38.20 2.79 7.54
CA ILE B 230 39.62 3.13 7.32
C ILE B 230 40.37 3.21 8.65
N GLY B 231 39.67 3.54 9.73
CA GLY B 231 40.28 3.73 11.03
C GLY B 231 40.77 5.16 11.21
N PRO B 232 41.47 5.43 12.32
CA PRO B 232 41.94 4.44 13.30
C PRO B 232 40.89 3.99 14.32
N GLY B 233 39.79 4.73 14.48
CA GLY B 233 38.75 4.32 15.43
C GLY B 233 37.66 3.38 14.89
N ASP B 234 36.71 3.00 15.76
CA ASP B 234 35.65 2.07 15.40
C ASP B 234 34.32 2.76 15.04
N CYS B 235 33.46 2.04 14.34
CA CYS B 235 32.05 2.43 14.11
C CYS B 235 31.12 1.39 14.71
N GLU B 236 29.96 1.84 15.18
CA GLU B 236 28.95 0.95 15.74
C GLU B 236 27.72 0.92 14.84
N TRP B 237 27.28 -0.28 14.48
CA TRP B 237 26.21 -0.48 13.51
C TRP B 237 24.96 -1.05 14.16
N PHE B 238 23.81 -0.65 13.62
CA PHE B 238 22.51 -1.14 14.02
C PHE B 238 21.74 -1.60 12.78
N VAL B 239 21.20 -2.82 12.78
CA VAL B 239 20.62 -3.42 11.57
C VAL B 239 19.28 -4.14 11.83
N VAL B 240 18.31 -3.95 10.94
CA VAL B 240 16.98 -4.59 11.01
C VAL B 240 16.67 -5.26 9.67
N PRO B 241 16.19 -6.53 9.70
CA PRO B 241 15.95 -7.23 8.43
C PRO B 241 14.89 -6.57 7.56
N GLU B 242 15.03 -6.80 6.26
CA GLU B 242 14.16 -6.19 5.26
C GLU B 242 12.66 -6.42 5.54
N ASP B 243 12.29 -7.64 5.94
CA ASP B 243 10.85 -7.94 6.00
C ASP B 243 10.16 -7.20 7.16
N TYR B 244 10.94 -6.48 7.98
CA TYR B 244 10.40 -5.64 9.07
C TYR B 244 10.27 -4.15 8.73
N TRP B 245 10.64 -3.75 7.51
CA TRP B 245 10.67 -2.31 7.21
C TRP B 245 9.28 -1.65 7.34
N GLY B 246 8.22 -2.43 7.14
CA GLY B 246 6.86 -1.93 7.27
C GLY B 246 6.49 -1.44 8.67
N VAL B 247 7.04 -2.13 9.67
CA VAL B 247 6.86 -1.76 11.08
C VAL B 247 7.51 -0.39 11.35
N LEU B 248 8.72 -0.19 10.82
CA LEU B 248 9.40 1.07 11.03
C LEU B 248 8.72 2.21 10.24
N ASN B 249 8.24 1.90 9.04
CA ASN B 249 7.48 2.89 8.27
C ASN B 249 6.21 3.28 9.04
N ASP B 250 5.54 2.30 9.63
CA ASP B 250 4.30 2.58 10.37
C ASP B 250 4.57 3.52 11.55
N PHE B 251 5.65 3.28 12.29
CA PHE B 251 5.99 4.19 13.38
C PHE B 251 6.20 5.62 12.87
N CYS B 252 7.02 5.78 11.85
CA CYS B 252 7.27 7.11 11.28
C CYS B 252 5.95 7.82 10.95
N GLU B 253 5.02 7.09 10.31
CA GLU B 253 3.73 7.67 9.89
C GLU B 253 2.93 8.14 11.10
N LYS B 254 2.95 7.34 12.16
CA LYS B 254 2.24 7.61 13.40
C LYS B 254 2.91 8.70 14.25
N ASN B 255 4.18 8.97 14.00
CA ASN B 255 4.89 10.01 14.74
C ASN B 255 5.36 11.18 13.89
N ASN B 256 4.64 11.42 12.80
CA ASN B 256 4.87 12.58 11.94
C ASN B 256 6.26 12.64 11.29
N LEU B 257 6.73 11.51 10.79
CA LEU B 257 8.03 11.48 10.11
C LEU B 257 7.89 10.86 8.72
N ASN B 258 8.63 11.38 7.75
CA ASN B 258 8.73 10.73 6.44
C ASN B 258 9.84 9.68 6.47
N PHE B 259 9.46 8.41 6.36
CA PHE B 259 10.40 7.28 6.41
C PHE B 259 11.55 7.46 5.43
N LEU B 260 11.23 7.88 4.21
CA LEU B 260 12.22 7.98 3.16
C LEU B 260 13.04 9.29 3.22
N MET B 261 12.43 10.36 3.73
N MET B 261 12.45 10.36 3.75
CA MET B 261 12.99 11.70 3.61
CA MET B 261 13.09 11.67 3.61
C MET B 261 13.46 12.34 4.92
C MET B 261 13.44 12.38 4.93
N SER B 262 12.95 11.90 6.06
CA SER B 262 13.30 12.52 7.34
C SER B 262 14.56 11.92 7.97
N SER B 263 15.22 12.68 8.84
CA SER B 263 16.31 12.14 9.67
C SER B 263 15.75 11.54 10.97
N TRP B 264 15.93 10.23 11.16
CA TRP B 264 15.43 9.60 12.38
C TRP B 264 16.36 8.53 12.94
N TRP B 265 16.36 8.40 14.27
CA TRP B 265 17.19 7.46 15.01
C TRP B 265 16.31 6.64 15.95
N PRO B 266 16.09 5.35 15.63
CA PRO B 266 15.13 4.55 16.41
C PRO B 266 15.42 4.42 17.91
N ASN B 267 14.37 4.53 18.71
CA ASN B 267 14.44 4.20 20.14
C ASN B 267 14.41 2.67 20.27
N LEU B 268 15.52 2.09 20.74
CA LEU B 268 15.62 0.64 20.79
C LEU B 268 14.54 0.01 21.66
N GLU B 269 14.02 0.76 22.63
CA GLU B 269 12.96 0.22 23.49
C GLU B 269 11.66 0.08 22.71
N ASP B 270 11.38 1.04 21.83
CA ASP B 270 10.23 0.96 20.95
C ASP B 270 10.31 -0.28 20.05
N LEU B 271 11.50 -0.56 19.51
CA LEU B 271 11.66 -1.69 18.61
C LEU B 271 11.52 -3.02 19.35
N TYR B 272 12.07 -3.08 20.55
CA TYR B 272 11.97 -4.27 21.37
C TYR B 272 10.51 -4.60 21.74
N GLU B 273 9.75 -3.58 22.10
CA GLU B 273 8.34 -3.75 22.46
C GLU B 273 7.49 -4.17 21.25
N ALA B 274 7.89 -3.74 20.06
CA ALA B 274 7.16 -4.09 18.85
C ALA B 274 7.68 -5.40 18.26
N ASN B 275 8.55 -6.09 19.02
CA ASN B 275 9.14 -7.37 18.58
C ASN B 275 9.94 -7.34 17.28
N VAL B 276 10.68 -6.25 17.07
CA VAL B 276 11.61 -6.15 15.94
C VAL B 276 13.03 -6.51 16.36
N PRO B 277 13.62 -7.56 15.76
CA PRO B 277 15.00 -7.87 16.11
C PRO B 277 16.00 -6.82 15.56
N VAL B 278 17.02 -6.53 16.36
CA VAL B 278 18.04 -5.56 16.00
C VAL B 278 19.39 -6.22 16.11
N TYR B 279 20.11 -6.27 14.98
CA TYR B 279 21.50 -6.75 14.98
C TYR B 279 22.41 -5.57 15.34
N ARG B 280 23.37 -5.78 16.22
CA ARG B 280 24.30 -4.67 16.47
C ARG B 280 25.72 -5.18 16.69
N PHE B 281 26.68 -4.43 16.15
CA PHE B 281 28.08 -4.86 16.15
C PHE B 281 29.05 -3.69 15.98
N ILE B 282 30.31 -3.95 16.29
CA ILE B 282 31.39 -2.99 16.12
C ILE B 282 32.16 -3.30 14.85
N GLN B 283 32.36 -2.28 14.03
CA GLN B 283 33.15 -2.40 12.81
C GLN B 283 34.52 -1.76 13.05
N ARG B 284 35.56 -2.58 12.98
CA ARG B 284 36.91 -2.14 13.27
C ARG B 284 37.65 -1.82 11.97
N PRO B 285 38.75 -1.06 12.06
CA PRO B 285 39.54 -0.73 10.86
C PRO B 285 39.92 -1.97 10.06
N GLY B 286 39.66 -1.94 8.76
CA GLY B 286 39.88 -3.07 7.88
C GLY B 286 38.70 -4.03 7.76
N ASP B 287 37.70 -3.91 8.63
CA ASP B 287 36.47 -4.73 8.50
C ASP B 287 35.55 -4.28 7.36
N LEU B 288 35.06 -5.22 6.56
CA LEU B 288 34.12 -4.87 5.48
C LEU B 288 32.71 -5.27 5.91
N VAL B 289 31.79 -4.32 5.83
CA VAL B 289 30.39 -4.58 6.12
C VAL B 289 29.59 -4.68 4.82
N TRP B 290 28.94 -5.81 4.61
CA TRP B 290 28.05 -6.01 3.47
C TRP B 290 26.59 -5.87 3.92
N ILE B 291 25.90 -4.87 3.39
CA ILE B 291 24.46 -4.66 3.68
C ILE B 291 23.59 -5.28 2.59
N ASN B 292 22.76 -6.24 2.97
CA ASN B 292 21.98 -6.98 1.99
C ASN B 292 20.75 -6.18 1.48
N ALA B 293 20.12 -6.64 0.41
CA ALA B 293 19.09 -5.83 -0.27
C ALA B 293 17.90 -5.48 0.61
N GLY B 294 17.64 -4.19 0.79
CA GLY B 294 16.51 -3.76 1.58
C GLY B 294 16.72 -3.72 3.08
N THR B 295 17.92 -4.09 3.55
CA THR B 295 18.20 -4.08 4.98
C THR B 295 18.18 -2.66 5.55
N VAL B 296 17.45 -2.48 6.65
CA VAL B 296 17.38 -1.18 7.31
C VAL B 296 18.55 -1.01 8.29
N HIS B 297 19.23 0.13 8.22
CA HIS B 297 20.38 0.33 9.11
C HIS B 297 20.66 1.78 9.46
N TRP B 298 21.39 1.95 10.56
CA TRP B 298 21.89 3.24 11.01
C TRP B 298 23.25 3.06 11.76
N VAL B 299 24.09 4.09 11.76
CA VAL B 299 25.51 3.97 12.17
C VAL B 299 26.00 5.18 12.96
N GLN B 300 26.90 4.95 13.92
CA GLN B 300 27.60 6.04 14.60
C GLN B 300 29.10 5.77 14.75
N ALA B 301 29.90 6.84 14.69
CA ALA B 301 31.32 6.74 14.96
C ALA B 301 31.56 6.64 16.46
N VAL B 302 32.45 5.74 16.85
CA VAL B 302 32.86 5.63 18.25
C VAL B 302 34.17 6.36 18.49
N GLY B 303 35.07 6.28 17.52
CA GLY B 303 36.31 7.03 17.59
C GLY B 303 36.41 8.01 16.42
N TRP B 304 37.64 8.47 16.18
CA TRP B 304 37.96 9.28 15.02
C TRP B 304 38.33 8.30 13.91
N CYS B 305 37.61 8.35 12.80
CA CYS B 305 37.86 7.46 11.67
C CYS B 305 37.30 8.02 10.35
N ASN B 306 37.73 7.43 9.24
CA ASN B 306 37.12 7.62 7.92
C ASN B 306 36.51 6.30 7.42
N ASN B 307 35.48 6.40 6.56
CA ASN B 307 34.88 5.23 5.89
C ASN B 307 34.71 5.47 4.37
N ILE B 308 34.69 4.38 3.60
CA ILE B 308 34.34 4.46 2.19
C ILE B 308 33.21 3.46 1.89
N ALA B 309 32.38 3.77 0.89
CA ALA B 309 31.18 2.97 0.63
C ALA B 309 30.64 3.18 -0.79
N TRP B 310 29.91 2.18 -1.28
CA TRP B 310 29.32 2.24 -2.61
C TRP B 310 28.23 1.14 -2.67
N ASN B 311 27.47 1.10 -3.77
CA ASN B 311 26.44 0.07 -3.95
C ASN B 311 26.83 -1.00 -4.95
N VAL B 312 26.19 -2.15 -4.82
CA VAL B 312 26.38 -3.28 -5.72
C VAL B 312 25.02 -3.95 -5.95
N GLY B 313 24.75 -4.41 -7.17
CA GLY B 313 23.54 -5.18 -7.42
C GLY B 313 23.76 -6.60 -7.94
N PRO B 314 23.75 -7.60 -7.03
CA PRO B 314 23.92 -9.00 -7.48
C PRO B 314 22.84 -9.43 -8.48
N LEU B 315 23.19 -10.28 -9.43
CA LEU B 315 22.19 -10.82 -10.37
C LEU B 315 21.31 -11.90 -9.75
N THR B 316 20.39 -11.52 -8.86
CA THR B 316 19.47 -12.49 -8.27
C THR B 316 18.03 -12.03 -8.34
N ALA B 317 17.10 -12.99 -8.29
CA ALA B 317 15.67 -12.66 -8.29
C ALA B 317 15.32 -11.77 -7.10
N CYS B 318 15.93 -12.05 -5.93
CA CYS B 318 15.66 -11.26 -4.74
C CYS B 318 16.07 -9.78 -4.90
N GLN B 319 17.27 -9.52 -5.43
CA GLN B 319 17.71 -8.14 -5.64
C GLN B 319 16.84 -7.40 -6.66
N TYR B 320 16.51 -8.04 -7.77
CA TYR B 320 15.71 -7.42 -8.82
C TYR B 320 14.28 -7.13 -8.30
N LYS B 321 13.70 -8.10 -7.61
CA LYS B 321 12.36 -7.94 -7.04
C LYS B 321 12.29 -6.74 -6.11
N LEU B 322 13.24 -6.64 -5.18
CA LEU B 322 13.25 -5.56 -4.19
C LEU B 322 13.51 -4.17 -4.80
N ALA B 323 14.32 -4.12 -5.84
CA ALA B 323 14.57 -2.85 -6.54
C ALA B 323 13.31 -2.38 -7.31
N VAL B 324 12.61 -3.29 -7.97
CA VAL B 324 11.37 -2.94 -8.67
C VAL B 324 10.30 -2.47 -7.69
N GLU B 325 10.16 -3.19 -6.58
CA GLU B 325 9.21 -2.81 -5.53
C GLU B 325 9.42 -1.39 -5.00
N ARG B 326 10.67 -1.03 -4.69
CA ARG B 326 11.01 0.29 -4.19
C ARG B 326 10.86 1.36 -5.28
N TYR B 327 11.19 1.01 -6.52
CA TYR B 327 10.95 1.87 -7.68
C TYR B 327 9.47 2.29 -7.81
N GLU B 328 8.57 1.32 -7.63
CA GLU B 328 7.14 1.59 -7.71
C GLU B 328 6.67 2.37 -6.47
N TRP B 329 7.22 2.01 -5.31
CA TRP B 329 6.89 2.69 -4.06
C TRP B 329 7.32 4.15 -4.08
N ASN B 330 8.48 4.42 -4.68
CA ASN B 330 8.95 5.80 -4.84
C ASN B 330 7.96 6.66 -5.67
N LYS B 331 7.21 6.05 -6.59
CA LYS B 331 6.24 6.80 -7.38
C LYS B 331 5.07 7.24 -6.49
N LEU B 332 4.55 6.31 -5.68
CA LEU B 332 3.48 6.67 -4.76
C LEU B 332 3.87 7.79 -3.79
N LYS B 333 5.14 7.80 -3.37
CA LYS B 333 5.62 8.79 -2.40
C LYS B 333 6.18 10.06 -3.06
N SER B 334 6.13 10.12 -4.39
CA SER B 334 6.65 11.26 -5.15
C SER B 334 8.11 11.55 -4.85
N VAL B 335 8.92 10.49 -4.89
CA VAL B 335 10.36 10.53 -4.68
C VAL B 335 11.10 9.98 -5.91
N LYS B 336 12.16 10.65 -6.35
CA LYS B 336 12.86 10.21 -7.54
C LYS B 336 13.63 8.89 -7.30
N SER B 337 13.60 7.99 -8.29
CA SER B 337 14.43 6.78 -8.25
C SER B 337 15.78 7.08 -8.88
N PRO B 338 16.87 6.97 -8.09
CA PRO B 338 18.17 7.18 -8.74
C PRO B 338 18.50 6.08 -9.76
N VAL B 339 17.90 4.90 -9.62
CA VAL B 339 18.12 3.83 -10.58
C VAL B 339 16.96 3.69 -11.57
N PRO B 340 17.25 3.88 -12.87
CA PRO B 340 16.21 3.82 -13.93
C PRO B 340 15.86 2.38 -14.30
N MET B 341 14.91 1.77 -13.59
CA MET B 341 14.72 0.34 -13.70
C MET B 341 14.18 -0.11 -15.05
N VAL B 342 13.53 0.79 -15.79
CA VAL B 342 13.08 0.46 -17.14
C VAL B 342 14.27 0.33 -18.11
N HIS B 343 15.09 1.38 -18.16
CA HIS B 343 16.30 1.38 -18.99
C HIS B 343 17.22 0.19 -18.66
N LEU B 344 17.38 -0.07 -17.36
CA LEU B 344 18.22 -1.16 -16.90
C LEU B 344 17.68 -2.51 -17.37
N SER B 345 16.37 -2.71 -17.24
CA SER B 345 15.76 -3.98 -17.65
C SER B 345 16.01 -4.31 -19.12
N TRP B 346 15.95 -3.30 -19.98
CA TRP B 346 16.24 -3.51 -21.40
C TRP B 346 17.71 -3.83 -21.64
N ASN B 347 18.59 -3.16 -20.90
CA ASN B 347 20.02 -3.43 -21.05
C ASN B 347 20.35 -4.86 -20.64
N MET B 348 19.69 -5.34 -19.59
CA MET B 348 19.85 -6.71 -19.13
C MET B 348 19.40 -7.64 -20.25
N ALA B 349 18.24 -7.37 -20.85
CA ALA B 349 17.72 -8.26 -21.87
C ALA B 349 18.63 -8.26 -23.10
N ARG B 350 19.28 -7.13 -23.35
CA ARG B 350 20.25 -7.05 -24.44
C ARG B 350 21.55 -7.79 -24.23
N ASN B 351 22.07 -7.76 -23.01
CA ASN B 351 23.48 -8.06 -22.81
C ASN B 351 23.78 -9.14 -21.78
N ILE B 352 22.75 -9.70 -21.13
CA ILE B 352 23.01 -10.70 -20.08
C ILE B 352 22.31 -12.01 -20.37
N LYS B 353 23.03 -13.12 -20.25
CA LYS B 353 22.45 -14.45 -20.31
C LYS B 353 21.93 -14.80 -18.93
N VAL B 354 20.63 -15.07 -18.83
CA VAL B 354 20.01 -15.37 -17.53
C VAL B 354 19.62 -16.83 -17.43
N SER B 355 20.15 -17.53 -16.42
CA SER B 355 19.87 -18.95 -16.30
C SER B 355 19.04 -19.28 -15.07
N ASP B 356 18.76 -18.28 -14.23
CA ASP B 356 17.83 -18.49 -13.10
C ASP B 356 16.38 -18.24 -13.54
N PRO B 357 15.55 -19.30 -13.51
CA PRO B 357 14.14 -19.24 -13.96
C PRO B 357 13.28 -18.17 -13.29
N LYS B 358 13.45 -17.98 -11.98
CA LYS B 358 12.63 -17.00 -11.25
C LYS B 358 12.99 -15.59 -11.72
N LEU B 359 14.29 -15.30 -11.74
CA LEU B 359 14.80 -13.99 -12.18
C LEU B 359 14.38 -13.71 -13.60
N PHE B 360 14.54 -14.72 -14.46
CA PHE B 360 14.16 -14.58 -15.85
C PHE B 360 12.66 -14.23 -16.02
N GLU B 361 11.78 -14.90 -15.29
CA GLU B 361 10.35 -14.63 -15.43
C GLU B 361 9.97 -13.22 -14.94
N MET B 362 10.64 -12.76 -13.88
CA MET B 362 10.44 -11.38 -13.41
C MET B 362 10.81 -10.35 -14.50
N ILE B 363 11.98 -10.52 -15.10
CA ILE B 363 12.42 -9.58 -16.12
C ILE B 363 11.50 -9.63 -17.34
N LYS B 364 11.24 -10.84 -17.81
CA LYS B 364 10.38 -11.10 -18.95
C LYS B 364 9.02 -10.42 -18.77
N TYR B 365 8.46 -10.56 -17.57
CA TYR B 365 7.19 -9.94 -17.20
C TYR B 365 7.22 -8.40 -17.26
N CYS B 366 8.27 -7.79 -16.70
CA CYS B 366 8.38 -6.33 -16.70
C CYS B 366 8.49 -5.79 -18.13
N LEU B 367 9.31 -6.44 -18.96
CA LEU B 367 9.50 -5.99 -20.33
C LEU B 367 8.22 -6.05 -21.17
N LEU B 368 7.40 -7.08 -20.95
CA LEU B 368 6.18 -7.21 -21.70
C LEU B 368 5.23 -6.07 -21.34
N LYS B 369 5.14 -5.75 -20.05
CA LYS B 369 4.31 -4.67 -19.57
C LYS B 369 4.73 -3.33 -20.16
N ILE B 370 6.03 -3.07 -20.11
CA ILE B 370 6.62 -1.85 -20.69
C ILE B 370 6.31 -1.73 -22.17
N LEU B 371 6.52 -2.83 -22.89
CA LEU B 371 6.35 -2.88 -24.34
C LEU B 371 4.92 -2.58 -24.78
N LYS B 372 3.96 -3.17 -24.08
CA LYS B 372 2.55 -2.97 -24.36
C LYS B 372 2.07 -1.54 -24.12
N GLN B 373 2.42 -1.00 -22.95
N GLN B 373 2.34 -0.96 -22.95
CA GLN B 373 2.02 0.34 -22.55
CA GLN B 373 1.88 0.41 -22.70
C GLN B 373 2.57 1.34 -23.57
C GLN B 373 2.52 1.35 -23.69
N TYR B 374 3.77 1.07 -24.05
CA TYR B 374 4.41 1.89 -25.07
C TYR B 374 3.73 1.79 -26.44
N GLN B 375 3.40 0.58 -26.86
CA GLN B 375 2.75 0.39 -28.16
C GLN B 375 1.39 1.03 -28.22
N THR B 376 0.69 1.00 -27.10
CA THR B 376 -0.62 1.61 -27.02
C THR B 376 -0.53 3.10 -27.18
N LEU B 377 0.33 3.71 -26.37
CA LEU B 377 0.51 5.15 -26.39
C LEU B 377 0.91 5.60 -27.79
N ARG B 378 1.88 4.91 -28.39
CA ARG B 378 2.38 5.33 -29.70
C ARG B 378 1.31 5.29 -30.76
N GLU B 379 0.43 4.30 -30.69
CA GLU B 379 -0.61 4.19 -31.69
C GLU B 379 -1.67 5.26 -31.48
N ALA B 380 -1.92 5.63 -30.23
CA ALA B 380 -2.92 6.66 -29.98
C ALA B 380 -2.43 8.02 -30.51
N LEU B 381 -1.16 8.32 -30.28
CA LEU B 381 -0.55 9.53 -30.80
C LEU B 381 -0.64 9.64 -32.33
N VAL B 382 -0.36 8.56 -33.04
CA VAL B 382 -0.40 8.57 -34.50
C VAL B 382 -1.87 8.65 -34.98
N ALA B 383 -2.78 8.01 -34.26
CA ALA B 383 -4.21 8.06 -34.58
C ALA B 383 -4.83 9.46 -34.43
N ALA B 384 -4.20 10.29 -33.61
CA ALA B 384 -4.71 11.63 -33.37
C ALA B 384 -3.92 12.64 -34.19
N GLY B 385 -3.14 12.14 -35.14
CA GLY B 385 -2.44 12.99 -36.08
C GLY B 385 -1.12 13.57 -35.63
N LYS B 386 -0.58 13.06 -34.52
CA LYS B 386 0.66 13.58 -33.97
C LYS B 386 1.87 12.87 -34.59
N GLU B 387 2.78 13.64 -35.17
CA GLU B 387 3.96 13.06 -35.82
C GLU B 387 4.96 12.51 -34.79
N VAL B 388 5.48 11.30 -35.03
CA VAL B 388 6.55 10.78 -34.20
C VAL B 388 7.86 11.01 -34.91
N ILE B 389 8.71 11.81 -34.29
CA ILE B 389 9.97 12.19 -34.90
C ILE B 389 11.14 11.34 -34.41
N TRP B 390 11.87 10.76 -35.37
CA TRP B 390 13.01 9.92 -35.04
C TRP B 390 14.13 10.76 -34.45
N HIS B 391 14.54 10.43 -33.24
CA HIS B 391 15.51 11.25 -32.56
C HIS B 391 16.74 10.43 -32.19
N GLY B 392 16.54 9.14 -31.89
CA GLY B 392 17.63 8.24 -31.59
C GLY B 392 18.38 8.65 -30.33
N ARG B 393 19.58 8.11 -30.14
CA ARG B 393 20.37 8.38 -28.94
C ARG B 393 21.87 8.31 -29.24
N THR B 394 22.67 8.92 -28.37
CA THR B 394 24.13 8.82 -28.36
C THR B 394 24.66 7.73 -27.44
N ASN B 395 25.97 7.48 -27.49
CA ASN B 395 26.60 6.39 -26.72
C ASN B 395 26.35 6.51 -25.23
N ASP B 396 26.82 7.61 -24.65
CA ASP B 396 26.85 7.81 -23.20
C ASP B 396 25.68 8.66 -22.74
N GLU B 397 24.57 8.58 -23.47
CA GLU B 397 23.35 9.28 -23.10
C GLU B 397 22.54 8.53 -22.04
N PRO B 398 22.34 9.18 -20.90
CA PRO B 398 21.63 8.68 -19.71
C PRO B 398 20.19 8.30 -20.02
N ALA B 399 19.56 7.48 -19.18
CA ALA B 399 18.10 7.39 -19.19
C ALA B 399 17.52 8.78 -18.88
N HIS B 400 16.29 9.03 -19.31
CA HIS B 400 15.69 10.34 -19.03
C HIS B 400 14.55 10.31 -18.01
N TYR B 401 14.48 11.38 -17.23
CA TYR B 401 13.38 11.57 -16.27
C TYR B 401 12.58 12.85 -16.60
N CYS B 402 11.32 12.91 -16.16
CA CYS B 402 10.45 14.06 -16.39
C CYS B 402 10.88 15.31 -15.61
N SER B 403 11.07 16.43 -16.32
CA SER B 403 11.51 17.69 -15.71
C SER B 403 10.49 18.26 -14.72
N ILE B 404 9.26 17.76 -14.76
CA ILE B 404 8.25 18.23 -13.83
C ILE B 404 8.10 17.28 -12.63
N CYS B 405 7.83 16.00 -12.89
CA CYS B 405 7.49 15.05 -11.82
C CYS B 405 8.60 14.03 -11.48
N GLU B 406 9.63 13.98 -12.33
CA GLU B 406 10.83 13.17 -12.15
C GLU B 406 10.64 11.65 -12.23
N VAL B 407 9.51 11.23 -12.80
CA VAL B 407 9.33 9.83 -13.18
C VAL B 407 10.29 9.51 -14.34
N GLU B 408 10.73 8.26 -14.42
CA GLU B 408 11.51 7.85 -15.58
C GLU B 408 10.64 7.93 -16.83
N VAL B 409 11.19 8.41 -17.92
CA VAL B 409 10.49 8.45 -19.19
C VAL B 409 11.21 7.57 -20.19
N PHE B 410 10.49 6.62 -20.80
CA PHE B 410 11.12 5.67 -21.71
C PHE B 410 10.69 5.78 -23.17
N ASN B 411 11.69 5.99 -24.04
CA ASN B 411 11.56 5.98 -25.51
C ASN B 411 10.86 7.23 -26.09
N LEU B 412 9.57 7.37 -25.83
CA LEU B 412 8.80 8.52 -26.31
C LEU B 412 8.99 9.74 -25.40
N LEU B 413 9.76 10.72 -25.86
CA LEU B 413 10.03 11.91 -25.08
C LEU B 413 9.13 13.06 -25.52
N PHE B 414 8.54 13.77 -24.56
CA PHE B 414 7.65 14.88 -24.88
C PHE B 414 8.35 16.21 -24.64
N VAL B 415 8.62 16.90 -25.74
CA VAL B 415 9.44 18.11 -25.72
C VAL B 415 8.66 19.28 -26.33
N THR B 416 8.74 20.47 -25.72
CA THR B 416 8.06 21.66 -26.25
C THR B 416 8.62 22.05 -27.61
N ASN B 417 7.76 22.59 -28.47
CA ASN B 417 8.17 23.13 -29.77
C ASN B 417 9.40 24.00 -29.70
N GLU B 418 9.42 24.87 -28.69
CA GLU B 418 10.54 25.78 -28.46
C GLU B 418 11.83 25.05 -28.06
N SER B 419 11.75 24.13 -27.10
CA SER B 419 12.94 23.39 -26.65
C SER B 419 13.47 22.56 -27.79
N ASN B 420 12.56 22.04 -28.61
CA ASN B 420 12.96 21.30 -29.78
C ASN B 420 13.74 22.17 -30.78
N THR B 421 13.19 23.34 -31.11
CA THR B 421 13.87 24.29 -31.99
C THR B 421 15.25 24.65 -31.47
N GLN B 422 15.33 24.95 -30.18
CA GLN B 422 16.60 25.33 -29.57
C GLN B 422 17.56 24.17 -29.30
N LYS B 423 17.13 22.94 -29.58
CA LYS B 423 17.94 21.74 -29.36
C LYS B 423 18.39 21.58 -27.90
N THR B 424 17.55 21.98 -26.96
CA THR B 424 17.84 21.74 -25.54
C THR B 424 17.14 20.46 -25.10
N TYR B 425 16.11 20.05 -25.84
CA TYR B 425 15.44 18.77 -25.63
C TYR B 425 15.07 18.47 -24.17
N ILE B 426 14.41 19.43 -23.51
CA ILE B 426 13.95 19.23 -22.15
C ILE B 426 12.77 18.25 -22.08
N VAL B 427 12.95 17.15 -21.36
CA VAL B 427 12.00 16.01 -21.42
C VAL B 427 10.81 16.10 -20.45
N HIS B 428 9.61 15.80 -20.96
CA HIS B 428 8.41 15.68 -20.14
C HIS B 428 7.83 14.28 -20.30
N CYS B 429 7.22 13.74 -19.24
CA CYS B 429 6.38 12.56 -19.42
C CYS B 429 5.07 12.97 -20.13
N HIS B 430 4.33 11.97 -20.60
CA HIS B 430 3.09 12.19 -21.33
C HIS B 430 2.02 12.90 -20.51
N ASP B 431 1.86 12.50 -19.25
N ASP B 431 1.89 12.50 -19.25
CA ASP B 431 0.81 13.05 -18.42
CA ASP B 431 0.87 13.03 -18.37
C ASP B 431 1.10 14.51 -18.02
C ASP B 431 1.10 14.49 -18.03
N CYS B 432 2.36 14.83 -17.74
CA CYS B 432 2.70 16.20 -17.38
C CYS B 432 2.50 17.16 -18.57
N ALA B 433 2.89 16.71 -19.77
CA ALA B 433 2.72 17.51 -20.98
C ALA B 433 1.24 17.77 -21.28
N ARG B 434 0.43 16.73 -21.11
CA ARG B 434 -1.02 16.78 -21.29
C ARG B 434 -1.72 17.75 -20.32
N LYS B 435 -1.23 17.80 -19.09
CA LYS B 435 -1.78 18.73 -18.13
C LYS B 435 -1.49 20.18 -18.51
N THR B 436 -0.38 20.42 -19.22
CA THR B 436 -0.03 21.76 -19.70
C THR B 436 -0.72 22.15 -21.00
N SER B 437 -0.65 21.25 -21.97
CA SER B 437 -1.12 21.48 -23.33
C SER B 437 -2.09 20.35 -23.69
N LYS B 438 -3.39 20.66 -23.58
CA LYS B 438 -4.45 19.64 -23.62
C LYS B 438 -4.44 18.75 -24.85
N SER B 439 -4.11 19.28 -26.02
CA SER B 439 -4.04 18.44 -27.21
C SER B 439 -2.60 18.29 -27.67
N LEU B 440 -1.66 18.59 -26.77
CA LEU B 440 -0.23 18.53 -27.08
C LEU B 440 0.16 19.46 -28.21
N GLU B 441 -0.60 20.53 -28.42
CA GLU B 441 -0.31 21.49 -29.49
C GLU B 441 1.00 22.21 -29.21
N ASN B 442 1.41 22.26 -27.94
CA ASN B 442 2.68 22.89 -27.58
C ASN B 442 3.92 21.94 -27.60
N PHE B 443 3.73 20.67 -27.93
CA PHE B 443 4.81 19.69 -27.79
C PHE B 443 5.12 18.93 -29.07
N VAL B 444 6.35 18.42 -29.20
CA VAL B 444 6.69 17.40 -30.19
C VAL B 444 7.02 16.07 -29.50
N VAL B 445 6.80 14.97 -30.21
CA VAL B 445 7.12 13.62 -29.73
C VAL B 445 8.41 13.04 -30.34
N LEU B 446 9.42 12.84 -29.51
CA LEU B 446 10.69 12.27 -29.98
C LEU B 446 10.78 10.78 -29.63
N GLU B 447 11.26 9.97 -30.58
CA GLU B 447 11.41 8.52 -30.38
C GLU B 447 12.88 8.11 -30.39
N GLN B 448 13.34 7.47 -29.33
CA GLN B 448 14.77 7.14 -29.18
C GLN B 448 15.13 5.73 -29.67
N TYR B 449 14.14 4.84 -29.68
CA TYR B 449 14.36 3.45 -30.10
C TYR B 449 13.28 3.03 -31.08
N LYS B 450 13.69 2.38 -32.17
CA LYS B 450 12.74 1.90 -33.16
C LYS B 450 11.92 0.73 -32.59
N MET B 451 10.64 0.63 -32.96
CA MET B 451 9.81 -0.40 -32.35
C MET B 451 10.23 -1.82 -32.75
N GLU B 452 10.72 -1.98 -33.96
CA GLU B 452 11.23 -3.27 -34.41
C GLU B 452 12.42 -3.72 -33.55
N ASP B 453 13.30 -2.78 -33.22
CA ASP B 453 14.45 -3.04 -32.35
C ASP B 453 14.02 -3.59 -30.99
N LEU B 454 12.99 -2.98 -30.40
CA LEU B 454 12.53 -3.41 -29.09
C LEU B 454 11.85 -4.76 -29.15
N ILE B 455 11.12 -5.00 -30.24
CA ILE B 455 10.43 -6.27 -30.43
C ILE B 455 11.44 -7.41 -30.60
N GLN B 456 12.52 -7.17 -31.32
CA GLN B 456 13.55 -8.18 -31.50
C GLN B 456 14.18 -8.54 -30.15
N VAL B 457 14.58 -7.52 -29.39
CA VAL B 457 15.24 -7.74 -28.09
C VAL B 457 14.36 -8.60 -27.19
N TYR B 458 13.07 -8.30 -27.15
CA TYR B 458 12.17 -9.06 -26.31
C TYR B 458 12.13 -10.52 -26.73
N ASP B 459 11.97 -10.76 -28.03
CA ASP B 459 11.85 -12.12 -28.56
C ASP B 459 13.13 -12.94 -28.40
N GLN B 460 14.27 -12.28 -28.46
CA GLN B 460 15.55 -12.97 -28.36
C GLN B 460 15.98 -13.19 -26.90
N PHE B 461 15.19 -12.69 -25.96
CA PHE B 461 15.50 -12.85 -24.55
C PHE B 461 14.92 -14.19 -24.09
N THR B 462 15.76 -15.20 -23.95
CA THR B 462 15.32 -16.54 -23.57
C THR B 462 16.11 -17.13 -22.39
N LEU B 463 15.49 -18.08 -21.69
CA LEU B 463 16.09 -18.74 -20.53
C LEU B 463 17.20 -19.72 -20.91
N ALA B 464 18.42 -19.43 -20.47
CA ALA B 464 19.55 -20.31 -20.71
C ALA B 464 19.56 -21.50 -19.76
N LEU B 465 20.05 -22.64 -20.21
CA LEU B 465 20.22 -23.76 -19.30
C LEU B 465 21.62 -23.76 -18.68
N SER B 466 21.66 -23.66 -17.37
CA SER B 466 22.89 -23.86 -16.63
C SER B 466 22.69 -24.86 -15.48
N LEU B 467 23.64 -25.76 -15.28
CA LEU B 467 23.52 -26.72 -14.19
C LEU B 467 23.99 -26.11 -12.86
N SER B 468 24.54 -24.91 -12.92
CA SER B 468 25.01 -24.21 -11.73
C SER B 468 23.88 -23.78 -10.81
MN MN C . -21.93 -8.72 6.10
C1 LMR D . -22.40 -9.53 12.72
O1A LMR D . -21.45 -9.38 13.48
O1B LMR D . -23.44 -10.26 12.97
C2 LMR D . -22.46 -8.93 11.33
O2 LMR D . -21.76 -7.70 11.27
C3 LMR D . -21.78 -9.97 10.45
C4 LMR D . -21.44 -9.39 9.11
O4A LMR D . -20.39 -8.78 8.87
O4B LMR D . -22.35 -9.60 8.22
C1 EDO E . -20.27 -7.64 26.80
O1 EDO E . -19.55 -8.54 27.66
C2 EDO E . -19.30 -6.96 25.84
O2 EDO E . -18.39 -6.10 26.56
C1 EDO F . -22.07 -10.59 29.71
O1 EDO F . -22.43 -9.24 29.39
C2 EDO F . -20.70 -10.91 29.13
O2 EDO F . -20.06 -11.95 29.92
C1 EDO G . -13.25 -27.03 8.64
O1 EDO G . -14.27 -26.04 8.52
C2 EDO G . -13.51 -28.17 7.66
O2 EDO G . -12.42 -29.11 7.74
C1 EDO H . -28.38 19.92 -7.26
O1 EDO H . -28.23 21.34 -7.11
C2 EDO H . -29.54 19.42 -6.41
O2 EDO H . -29.25 19.60 -5.02
C1 EDO I . -6.86 -13.10 19.25
O1 EDO I . -7.79 -13.61 18.28
C2 EDO I . -6.44 -11.69 18.85
O2 EDO I . -5.84 -11.02 19.95
C1 EDO J . -13.15 -6.88 26.41
O1 EDO J . -13.45 -5.55 26.02
C2 EDO J . -14.31 -7.79 26.04
O2 EDO J . -15.55 -7.06 26.21
C1 EDO K . -20.19 -3.55 7.09
O1 EDO K . -21.18 -2.74 7.76
C2 EDO K . -20.59 -5.02 7.17
O2 EDO K . -21.79 -5.19 6.40
ZN ZN L . -36.75 8.08 -11.43
MN MN M . 23.77 2.91 3.96
C1 LMR N . 28.81 5.64 7.38
O1A LMR N . 29.95 5.24 7.36
O1B LMR N . 28.29 6.35 8.34
C2 LMR N . 27.82 5.31 6.29
O2 LMR N . 28.47 5.19 5.04
C3 LMR N . 27.22 3.97 6.68
C4 LMR N . 26.52 3.33 5.50
O4A LMR N . 27.10 2.64 4.64
O4B LMR N . 25.25 3.62 5.47
C1 EDO O . 9.07 11.18 16.76
O1 EDO O . 10.29 11.90 17.00
C2 EDO O . 8.56 10.62 18.07
O2 EDO O . 9.52 9.67 18.62
C1 EDO P . 5.83 0.28 15.93
O1 EDO P . 5.51 0.84 17.21
C2 EDO P . 4.92 0.84 14.84
O2 EDO P . 3.61 0.27 14.92
C1 EDO Q . 41.98 12.30 14.89
O1 EDO Q . 42.58 12.72 13.65
C2 EDO Q . 42.83 11.22 15.54
O2 EDO Q . 42.81 10.06 14.70
C1 EDO R . 43.24 10.28 10.24
O1 EDO R . 42.85 9.54 9.07
C2 EDO R . 42.13 10.13 11.28
O2 EDO R . 40.94 9.71 10.57
C1 EDO S . 36.70 -2.09 -8.00
O1 EDO S . 36.26 -1.40 -6.82
C2 EDO S . 36.04 -1.47 -9.23
O2 EDO S . 36.00 -2.42 -10.30
C1 EDO T . 35.44 15.64 -9.16
O1 EDO T . 34.35 15.52 -8.24
C2 EDO T . 34.93 15.59 -10.61
O2 EDO T . 35.73 16.44 -11.44
C1 EDO U . 5.97 10.10 -8.67
O1 EDO U . 5.05 11.07 -9.18
C2 EDO U . 7.00 9.66 -9.72
O2 EDO U . 8.13 10.56 -9.74
C1 EDO V . 27.20 4.83 -0.69
O1 EDO V . 26.33 5.94 -0.94
C2 EDO V . 26.35 3.59 -0.46
O2 EDO V . 25.88 3.54 0.88
ZN ZN W . 5.90 14.01 -15.44
#